data_3F0N
#
_entry.id   3F0N
#
_cell.length_a   139.619
_cell.length_b   139.619
_cell.length_c   88.719
_cell.angle_alpha   90.00
_cell.angle_beta   90.00
_cell.angle_gamma   90.00
#
_symmetry.space_group_name_H-M   'P 43 21 2'
#
loop_
_entity.id
_entity.type
_entity.pdbx_description
1 polymer 'MEVALONATE PYROPHOSPHATE DECARBOXYLASE'
2 non-polymer 'PHOSPHATE ION'
3 water water
#
_entity_poly.entity_id   1
_entity_poly.type   'polypeptide(L)'
_entity_poly.pdbx_seq_one_letter_code
;MHHHHHHSSGRENLYFQGPQDLMVTCTAPVNIAVIKYWGKRDEALILPINSSLSVTLHQDQLKTTTTVAISKDFTEDRIW
LNGREEDVGQPRLQACLREIRRLARKRRSTEDGDTLPLSLSYKVHVASVNNFPTAAGLASSAAGYACLAYTLAQVYGVEG
DLSEVARRGSGSACRSLYGGFVEWQMGEQADGKDSIARQIAPEWHWPQLRILILVVSADKKQTGSTVGMQTSVETSTLLK
FRAESVVPERMKEMTRCIQEQDFQGFAQLTMKDSNQFHATCLDTFPPISYLNDTSRRIIQLVHRFNTHHGQTKVAYTFDA
GPNAVIFTLEDTVAEFVAAVRHSFPPAANGDKFLKGLQVAPVLLSDELKAALVVEPSPGGVQYIIATQVGPGPQVLDDTH
DHLLGQDGLPQRDL
;
_entity_poly.pdbx_strand_id   A,B
#
loop_
_chem_comp.id
_chem_comp.type
_chem_comp.name
_chem_comp.formula
PO4 non-polymer 'PHOSPHATE ION' 'O4 P -3'
#
# COMPACT_ATOMS: atom_id res chain seq x y z
N ARG A 11 68.84 6.82 2.20
CA ARG A 11 67.56 6.85 1.42
C ARG A 11 66.44 7.55 2.21
N GLU A 12 66.56 7.55 3.54
CA GLU A 12 65.72 8.40 4.43
C GLU A 12 65.99 9.91 4.21
N ASN A 13 67.12 10.21 3.60
CA ASN A 13 67.48 11.59 3.27
C ASN A 13 66.82 12.11 1.99
N LEU A 14 66.04 11.28 1.31
CA LEU A 14 65.32 11.71 0.12
C LEU A 14 63.94 12.21 0.52
N TYR A 15 63.38 13.13 -0.27
CA TYR A 15 62.22 13.95 0.15
C TYR A 15 60.95 13.14 0.44
N PHE A 16 60.63 12.15 -0.40
CA PHE A 16 59.45 11.31 -0.16
C PHE A 16 59.87 9.92 0.26
N ASP A 21 53.02 2.29 -3.50
CA ASP A 21 51.74 1.67 -3.82
C ASP A 21 51.08 1.08 -2.59
N LEU A 22 49.76 1.01 -2.60
CA LEU A 22 49.01 0.58 -1.45
C LEU A 22 47.72 -0.10 -1.86
N MET A 23 47.40 -1.17 -1.16
CA MET A 23 46.18 -1.92 -1.37
C MET A 23 45.57 -2.23 -0.01
N VAL A 24 44.28 -1.94 0.13
CA VAL A 24 43.58 -2.13 1.40
C VAL A 24 42.23 -2.79 1.12
N THR A 25 41.87 -3.76 1.95
CA THR A 25 40.59 -4.44 1.82
C THR A 25 39.80 -4.31 3.11
N CYS A 26 38.56 -3.85 2.95
CA CYS A 26 37.65 -3.69 4.07
C CYS A 26 36.34 -4.42 3.83
N THR A 27 35.60 -4.62 4.90
CA THR A 27 34.24 -5.12 4.79
C THR A 27 33.26 -4.11 5.39
N ALA A 28 31.99 -4.20 4.96
CA ALA A 28 30.95 -3.33 5.51
C ALA A 28 29.63 -4.07 5.63
N PRO A 29 28.82 -3.68 6.62
CA PRO A 29 27.52 -4.32 6.87
C PRO A 29 26.37 -3.69 6.07
N VAL A 30 25.31 -4.48 5.87
CA VAL A 30 24.02 -3.94 5.41
C VAL A 30 23.30 -3.40 6.65
N ASN A 31 22.32 -2.53 6.47
CA ASN A 31 21.50 -2.11 7.62
C ASN A 31 20.03 -2.10 7.23
N ILE A 32 19.16 -2.20 8.23
CA ILE A 32 17.72 -2.23 7.97
C ILE A 32 17.11 -1.02 8.66
N ALA A 33 16.49 -0.13 7.88
CA ALA A 33 15.84 1.05 8.45
C ALA A 33 14.58 0.68 9.23
N VAL A 34 14.48 1.14 10.49
CA VAL A 34 13.22 0.97 11.24
C VAL A 34 12.39 2.25 11.23
N ILE A 35 13.08 3.37 11.12
CA ILE A 35 12.44 4.62 10.68
C ILE A 35 12.92 4.91 9.25
N LYS A 36 11.99 4.89 8.29
CA LYS A 36 12.35 4.84 6.86
C LYS A 36 12.75 6.18 6.26
N TYR A 37 13.81 6.13 5.46
CA TYR A 37 14.20 7.19 4.53
C TYR A 37 13.37 7.01 3.24
N TRP A 38 12.67 8.06 2.82
CA TRP A 38 11.94 7.97 1.54
C TRP A 38 11.63 9.39 1.12
N GLY A 39 12.37 9.85 0.12
CA GLY A 39 12.22 11.21 -0.41
C GLY A 39 13.43 12.09 -0.12
N LYS A 40 13.94 12.77 -1.15
CA LYS A 40 15.04 13.72 -0.99
C LYS A 40 14.50 15.12 -1.08
N ARG A 41 15.07 16.00 -0.27
CA ARG A 41 14.87 17.43 -0.46
C ARG A 41 15.93 18.00 -1.40
N ASP A 42 17.05 17.31 -1.58
CA ASP A 42 18.08 17.73 -2.55
C ASP A 42 18.63 16.50 -3.26
N GLU A 43 18.32 16.39 -4.55
CA GLU A 43 18.63 15.18 -5.31
C GLU A 43 20.08 15.03 -5.70
N ALA A 44 20.76 16.18 -5.77
CA ALA A 44 22.17 16.27 -6.16
C ALA A 44 23.11 15.94 -5.00
N LEU A 45 22.82 16.48 -3.82
CA LEU A 45 23.63 16.26 -2.62
C LEU A 45 23.16 15.05 -1.80
N ILE A 46 22.01 14.48 -2.18
CA ILE A 46 21.40 13.34 -1.49
C ILE A 46 21.05 13.75 -0.06
N LEU A 47 20.19 14.75 0.06
CA LEU A 47 19.70 15.21 1.36
C LEU A 47 18.22 14.82 1.51
N PRO A 48 17.83 14.24 2.67
CA PRO A 48 16.50 13.64 2.77
C PRO A 48 15.47 14.63 3.36
N ILE A 49 14.19 14.32 3.18
CA ILE A 49 13.12 15.15 3.71
C ILE A 49 12.88 14.83 5.18
N ASN A 50 13.40 13.68 5.63
CA ASN A 50 13.31 13.29 7.05
C ASN A 50 14.50 12.46 7.49
N SER A 51 14.73 12.39 8.80
CA SER A 51 15.79 11.58 9.35
C SER A 51 15.36 10.13 9.30
N SER A 52 16.32 9.21 9.43
CA SER A 52 16.02 7.79 9.45
C SER A 52 16.87 7.10 10.52
N LEU A 53 16.51 5.85 10.84
CA LEU A 53 17.12 5.14 11.96
C LEU A 53 17.13 3.68 11.59
N SER A 54 18.30 3.06 11.68
CA SER A 54 18.44 1.66 11.26
C SER A 54 19.22 0.83 12.27
N VAL A 55 19.22 -0.47 11.99
CA VAL A 55 19.92 -1.49 12.77
C VAL A 55 20.93 -2.08 11.81
N THR A 56 22.20 -2.08 12.24
CA THR A 56 23.28 -2.59 11.44
C THR A 56 23.31 -4.13 11.62
N LEU A 57 23.29 -4.87 10.52
CA LEU A 57 23.24 -6.34 10.62
C LEU A 57 24.64 -6.91 10.67
N HIS A 58 24.79 -8.12 11.20
CA HIS A 58 26.14 -8.66 11.50
C HIS A 58 26.87 -9.15 10.25
N GLN A 59 28.12 -8.72 10.07
CA GLN A 59 28.93 -9.16 8.92
C GLN A 59 29.31 -10.63 8.92
N ASP A 60 29.14 -11.30 10.06
CA ASP A 60 29.21 -12.77 10.10
C ASP A 60 28.25 -13.40 9.09
N GLN A 61 27.10 -12.75 8.88
CA GLN A 61 26.10 -13.31 7.97
C GLN A 61 26.02 -12.61 6.63
N LEU A 62 26.12 -11.27 6.62
CA LEU A 62 26.02 -10.48 5.40
C LEU A 62 27.06 -9.38 5.37
N LYS A 63 27.82 -9.30 4.30
CA LYS A 63 28.88 -8.29 4.20
C LYS A 63 29.30 -8.04 2.76
N THR A 64 29.77 -6.82 2.54
CA THR A 64 30.34 -6.40 1.28
C THR A 64 31.83 -6.31 1.59
N THR A 65 32.65 -6.73 0.65
CA THR A 65 34.12 -6.64 0.75
C THR A 65 34.59 -5.79 -0.42
N THR A 66 35.46 -4.82 -0.13
CA THR A 66 35.97 -3.93 -1.16
C THR A 66 37.48 -3.86 -1.02
N THR A 67 38.18 -4.04 -2.13
CA THR A 67 39.63 -3.82 -2.15
C THR A 67 39.91 -2.56 -2.94
N VAL A 68 40.69 -1.66 -2.36
CA VAL A 68 41.15 -0.49 -3.09
C VAL A 68 42.67 -0.57 -3.20
N ALA A 69 43.15 -0.58 -4.45
CA ALA A 69 44.58 -0.44 -4.74
C ALA A 69 44.83 0.87 -5.47
N ILE A 70 45.92 1.54 -5.10
CA ILE A 70 46.49 2.60 -5.93
C ILE A 70 47.95 2.30 -6.29
N SER A 71 48.34 2.57 -7.54
CA SER A 71 49.73 2.36 -8.00
C SER A 71 50.15 3.40 -9.05
N LYS A 72 51.44 3.74 -9.04
CA LYS A 72 52.01 4.67 -10.03
C LYS A 72 51.94 4.08 -11.44
N ASP A 73 51.65 2.79 -11.52
CA ASP A 73 51.62 2.06 -12.79
C ASP A 73 50.25 1.98 -13.45
N PHE A 74 49.20 2.31 -12.69
CA PHE A 74 47.82 2.20 -13.20
C PHE A 74 47.54 3.29 -14.24
N THR A 75 47.13 2.87 -15.43
CA THR A 75 46.85 3.79 -16.53
C THR A 75 45.51 4.53 -16.34
N GLU A 76 44.53 3.87 -15.73
CA GLU A 76 43.21 4.47 -15.58
C GLU A 76 42.46 4.00 -14.31
N ASP A 77 41.49 4.81 -13.90
CA ASP A 77 40.54 4.45 -12.83
C ASP A 77 39.62 3.33 -13.31
N ARG A 78 39.55 2.26 -12.53
CA ARG A 78 38.82 1.07 -12.93
C ARG A 78 38.10 0.45 -11.75
N ILE A 79 36.86 0.04 -11.97
CA ILE A 79 36.04 -0.52 -10.90
C ILE A 79 35.38 -1.82 -11.33
N TRP A 80 35.36 -2.79 -10.43
CA TRP A 80 34.67 -4.04 -10.65
C TRP A 80 33.66 -4.28 -9.53
N LEU A 81 32.50 -4.84 -9.88
CA LEU A 81 31.54 -5.32 -8.89
C LEU A 81 31.16 -6.77 -9.18
N ASN A 82 31.46 -7.65 -8.22
CA ASN A 82 31.27 -9.10 -8.37
C ASN A 82 31.90 -9.69 -9.65
N GLY A 83 33.15 -9.30 -9.90
CA GLY A 83 33.92 -9.85 -11.00
C GLY A 83 33.66 -9.20 -12.34
N ARG A 84 32.72 -8.27 -12.39
CA ARG A 84 32.38 -7.58 -13.62
C ARG A 84 32.79 -6.12 -13.55
N GLU A 85 33.49 -5.67 -14.59
CA GLU A 85 33.89 -4.27 -14.67
C GLU A 85 32.70 -3.36 -14.98
N GLU A 86 32.61 -2.28 -14.22
CA GLU A 86 31.55 -1.33 -14.44
C GLU A 86 32.14 0.01 -14.81
N ASP A 87 31.30 0.90 -15.36
CA ASP A 87 31.73 2.20 -15.83
C ASP A 87 32.16 3.02 -14.63
N VAL A 88 33.44 3.40 -14.61
CA VAL A 88 34.00 4.26 -13.57
C VAL A 88 33.30 5.62 -13.53
N GLY A 89 32.72 6.01 -14.67
CA GLY A 89 32.09 7.31 -14.84
C GLY A 89 30.69 7.48 -14.27
N GLN A 90 30.11 6.42 -13.69
CA GLN A 90 28.79 6.56 -13.05
C GLN A 90 28.76 7.78 -12.13
N PRO A 91 27.67 8.57 -12.18
CA PRO A 91 27.60 9.81 -11.40
C PRO A 91 27.73 9.64 -9.89
N ARG A 92 27.05 8.65 -9.31
CA ARG A 92 27.15 8.43 -7.86
C ARG A 92 28.58 8.06 -7.47
N LEU A 93 29.21 7.17 -8.27
CA LEU A 93 30.58 6.76 -8.02
C LEU A 93 31.54 7.94 -8.16
N GLN A 94 31.38 8.74 -9.20
CA GLN A 94 32.23 9.94 -9.34
C GLN A 94 32.09 10.91 -8.17
N ALA A 95 30.88 11.10 -7.65
CA ALA A 95 30.66 11.98 -6.50
C ALA A 95 31.36 11.49 -5.23
N CYS A 96 31.35 10.17 -5.04
N CYS A 96 31.36 10.17 -5.02
CA CYS A 96 31.99 9.52 -3.90
CA CYS A 96 32.04 9.55 -3.88
C CYS A 96 33.50 9.76 -3.89
C CYS A 96 33.52 9.82 -3.89
N LEU A 97 34.13 9.46 -5.02
CA LEU A 97 35.56 9.66 -5.25
C LEU A 97 35.96 11.14 -5.14
N ARG A 98 35.15 12.03 -5.70
CA ARG A 98 35.41 13.47 -5.58
C ARG A 98 35.37 13.91 -4.14
N GLU A 99 34.39 13.41 -3.38
CA GLU A 99 34.26 13.80 -1.97
C GLU A 99 35.37 13.25 -1.06
N ILE A 100 35.77 11.99 -1.24
CA ILE A 100 36.90 11.48 -0.48
C ILE A 100 38.22 12.26 -0.77
N ARG A 101 38.45 12.65 -2.03
CA ARG A 101 39.64 13.45 -2.40
C ARG A 101 39.59 14.84 -1.76
N ARG A 102 38.41 15.45 -1.80
CA ARG A 102 38.19 16.74 -1.16
C ARG A 102 38.55 16.69 0.33
N LEU A 103 37.97 15.71 1.04
CA LEU A 103 38.22 15.55 2.47
C LEU A 103 39.67 15.24 2.84
N ALA A 104 40.31 14.39 2.04
CA ALA A 104 41.72 14.08 2.27
C ALA A 104 42.55 15.36 2.26
N ARG A 105 42.33 16.20 1.25
CA ARG A 105 43.05 17.47 1.16
C ARG A 105 42.58 18.41 2.26
N LYS A 106 41.29 18.34 2.55
CA LYS A 106 40.68 19.17 3.58
C LYS A 106 41.25 18.80 4.93
N ASP A 114 55.06 14.29 3.15
CA ASP A 114 53.84 13.50 3.16
C ASP A 114 53.54 12.93 1.78
N THR A 115 53.16 11.66 1.76
CA THR A 115 52.89 10.90 0.54
C THR A 115 51.54 11.24 -0.10
N LEU A 116 50.71 12.02 0.60
CA LEU A 116 49.34 12.29 0.15
C LEU A 116 49.22 12.74 -1.32
N PRO A 117 49.98 13.77 -1.74
CA PRO A 117 49.85 14.23 -3.13
C PRO A 117 50.20 13.14 -4.15
N LEU A 118 51.25 12.35 -3.87
CA LEU A 118 51.61 11.20 -4.72
C LEU A 118 50.47 10.20 -4.80
N SER A 119 49.92 9.87 -3.63
CA SER A 119 48.78 8.96 -3.50
C SER A 119 47.61 9.38 -4.39
N LEU A 120 47.29 10.68 -4.37
CA LEU A 120 46.19 11.24 -5.16
C LEU A 120 46.46 11.26 -6.67
N SER A 121 47.73 11.34 -7.04
CA SER A 121 48.18 11.32 -8.43
C SER A 121 47.86 10.01 -9.13
N TYR A 122 47.71 8.94 -8.35
CA TYR A 122 47.51 7.62 -8.92
C TYR A 122 46.06 7.34 -9.28
N LYS A 123 45.88 6.69 -10.42
CA LYS A 123 44.61 6.08 -10.77
C LYS A 123 44.27 5.02 -9.70
N VAL A 124 42.97 4.85 -9.40
CA VAL A 124 42.50 3.80 -8.50
C VAL A 124 41.88 2.61 -9.22
N HIS A 125 42.13 1.44 -8.67
CA HIS A 125 41.49 0.21 -9.09
C HIS A 125 40.69 -0.31 -7.92
N VAL A 126 39.38 -0.40 -8.12
CA VAL A 126 38.48 -0.84 -7.05
C VAL A 126 37.76 -2.13 -7.45
N ALA A 127 37.73 -3.09 -6.54
CA ALA A 127 36.98 -4.31 -6.78
C ALA A 127 36.20 -4.66 -5.54
N SER A 128 34.91 -4.96 -5.71
CA SER A 128 34.12 -5.36 -4.57
C SER A 128 33.18 -6.53 -4.87
N VAL A 129 32.83 -7.24 -3.81
CA VAL A 129 31.94 -8.37 -3.88
C VAL A 129 31.07 -8.32 -2.64
N ASN A 130 29.95 -9.03 -2.67
CA ASN A 130 29.20 -9.28 -1.46
C ASN A 130 28.67 -10.72 -1.42
N ASN A 131 28.24 -11.20 -0.26
CA ASN A 131 27.72 -12.56 -0.14
C ASN A 131 26.19 -12.58 -0.03
N PHE A 132 25.51 -11.56 -0.57
CA PHE A 132 24.05 -11.50 -0.49
C PHE A 132 23.46 -12.25 -1.66
N PRO A 133 22.62 -13.25 -1.36
CA PRO A 133 21.80 -13.77 -2.47
C PRO A 133 21.06 -12.60 -3.13
N THR A 134 20.95 -12.61 -4.46
CA THR A 134 20.28 -11.49 -5.18
C THR A 134 18.82 -11.41 -4.77
N ALA A 135 18.17 -12.58 -4.62
CA ALA A 135 16.77 -12.63 -4.18
C ALA A 135 16.53 -11.96 -2.81
N ALA A 136 17.61 -11.77 -2.04
CA ALA A 136 17.52 -11.20 -0.70
C ALA A 136 17.09 -9.73 -0.70
N GLY A 137 17.30 -9.04 -1.83
CA GLY A 137 16.79 -7.70 -2.08
C GLY A 137 17.38 -6.67 -1.14
N LEU A 138 18.52 -7.02 -0.55
CA LEU A 138 19.17 -6.16 0.42
C LEU A 138 19.76 -4.92 -0.23
N ALA A 139 20.08 -3.92 0.60
CA ALA A 139 20.66 -2.70 0.10
C ALA A 139 22.16 -2.94 -0.12
N SER A 140 22.44 -3.59 -1.26
CA SER A 140 23.82 -3.79 -1.70
C SER A 140 24.49 -2.45 -1.94
N SER A 141 23.73 -1.48 -2.46
CA SER A 141 24.25 -0.12 -2.64
C SER A 141 24.66 0.57 -1.35
N ALA A 142 23.90 0.34 -0.29
CA ALA A 142 24.17 1.02 0.99
C ALA A 142 25.45 0.47 1.60
N ALA A 143 25.53 -0.84 1.72
CA ALA A 143 26.72 -1.48 2.22
C ALA A 143 27.88 -1.18 1.26
N GLY A 144 27.58 -1.17 -0.04
CA GLY A 144 28.64 -1.03 -1.08
C GLY A 144 29.31 0.33 -0.99
N TYR A 145 28.53 1.39 -0.84
CA TYR A 145 29.10 2.72 -0.74
C TYR A 145 29.68 3.04 0.62
N ALA A 146 29.15 2.42 1.67
CA ALA A 146 29.79 2.55 2.99
C ALA A 146 31.18 1.91 2.97
N CYS A 147 31.27 0.71 2.37
CA CYS A 147 32.56 0.05 2.23
C CYS A 147 33.52 0.82 1.34
N LEU A 148 33.01 1.35 0.24
CA LEU A 148 33.85 2.15 -0.65
C LEU A 148 34.43 3.36 0.08
N ALA A 149 33.56 4.13 0.72
CA ALA A 149 33.97 5.33 1.45
C ALA A 149 35.03 4.99 2.50
N TYR A 150 34.72 3.96 3.31
CA TYR A 150 35.60 3.57 4.41
C TYR A 150 36.98 3.07 3.95
N THR A 151 37.00 2.32 2.85
CA THR A 151 38.23 1.77 2.29
C THR A 151 39.06 2.87 1.60
N LEU A 152 38.39 3.79 0.94
CA LEU A 152 39.09 4.95 0.36
C LEU A 152 39.71 5.80 1.44
N ALA A 153 38.98 6.01 2.53
CA ALA A 153 39.49 6.71 3.70
C ALA A 153 40.75 6.06 4.30
N GLN A 154 40.78 4.73 4.36
CA GLN A 154 41.97 3.96 4.73
C GLN A 154 43.15 4.25 3.81
N VAL A 155 42.90 4.11 2.50
CA VAL A 155 43.94 4.30 1.49
C VAL A 155 44.53 5.71 1.56
N TYR A 156 43.67 6.70 1.77
CA TYR A 156 44.09 8.10 1.74
C TYR A 156 44.33 8.74 3.11
N GLY A 157 44.27 7.92 4.15
CA GLY A 157 44.47 8.37 5.53
C GLY A 157 43.52 9.46 5.99
N VAL A 158 42.23 9.31 5.66
CA VAL A 158 41.22 10.33 6.01
C VAL A 158 40.57 10.01 7.35
N GLU A 159 40.75 10.90 8.33
CA GLU A 159 40.20 10.69 9.66
C GLU A 159 38.81 11.31 9.79
N GLY A 160 38.07 10.89 10.81
CA GLY A 160 36.81 11.52 11.13
C GLY A 160 35.63 10.97 10.33
N ASP A 161 34.47 11.57 10.55
CA ASP A 161 33.22 11.06 9.95
C ASP A 161 33.27 11.05 8.42
N LEU A 162 32.89 9.92 7.85
CA LEU A 162 32.83 9.75 6.41
C LEU A 162 31.41 9.83 5.81
N SER A 163 30.43 10.27 6.60
CA SER A 163 29.01 10.20 6.16
C SER A 163 28.80 10.92 4.83
N GLU A 164 29.40 12.09 4.72
CA GLU A 164 29.30 12.92 3.54
C GLU A 164 29.80 12.19 2.27
N VAL A 165 30.83 11.36 2.41
CA VAL A 165 31.34 10.54 1.30
C VAL A 165 30.35 9.41 0.92
N ALA A 166 29.95 8.61 1.91
CA ALA A 166 29.06 7.46 1.68
C ALA A 166 27.72 7.94 1.14
N ARG A 167 27.20 9.01 1.74
CA ARG A 167 25.84 9.50 1.45
C ARG A 167 25.69 9.91 -0.03
N ARG A 168 26.74 10.50 -0.59
N ARG A 168 26.75 10.47 -0.59
CA ARG A 168 26.74 10.92 -2.01
CA ARG A 168 26.75 10.92 -2.00
C ARG A 168 26.61 9.72 -2.96
C ARG A 168 26.72 9.74 -3.00
N GLY A 169 27.11 8.56 -2.54
CA GLY A 169 26.98 7.33 -3.33
C GLY A 169 25.57 6.77 -3.21
N SER A 170 25.08 6.66 -1.97
CA SER A 170 23.68 6.29 -1.70
C SER A 170 23.29 6.80 -0.32
N GLY A 171 22.12 7.42 -0.19
CA GLY A 171 21.78 8.10 1.06
C GLY A 171 22.00 7.24 2.30
N SER A 172 21.39 6.07 2.31
CA SER A 172 21.42 5.21 3.49
C SER A 172 22.79 4.55 3.71
N ALA A 173 23.72 4.69 2.76
CA ALA A 173 25.09 4.15 2.93
C ALA A 173 25.75 4.77 4.16
N CYS A 174 25.45 6.04 4.46
CA CYS A 174 26.02 6.64 5.67
C CYS A 174 25.67 5.87 6.97
N ARG A 175 24.51 5.21 7.01
CA ARG A 175 24.14 4.50 8.21
C ARG A 175 24.93 3.18 8.37
N SER A 176 25.55 2.70 7.31
CA SER A 176 26.35 1.47 7.41
C SER A 176 27.79 1.76 7.84
N LEU A 177 28.08 3.03 8.08
CA LEU A 177 29.38 3.42 8.64
C LEU A 177 29.56 3.11 10.12
N TYR A 178 28.47 2.74 10.81
CA TYR A 178 28.49 2.59 12.29
C TYR A 178 27.81 1.30 12.72
N GLY A 179 28.31 0.69 13.79
CA GLY A 179 27.69 -0.51 14.32
C GLY A 179 26.44 -0.17 15.12
N GLY A 180 25.62 -1.19 15.40
CA GLY A 180 24.53 -1.07 16.35
C GLY A 180 23.27 -0.41 15.82
N PHE A 181 22.84 0.66 16.49
CA PHE A 181 21.64 1.39 16.14
C PHE A 181 22.09 2.79 15.73
N VAL A 182 21.68 3.20 14.55
CA VAL A 182 22.29 4.34 13.85
C VAL A 182 21.23 5.26 13.30
N GLU A 183 21.40 6.57 13.50
CA GLU A 183 20.50 7.56 12.92
C GLU A 183 21.18 8.25 11.75
N TRP A 184 20.47 8.46 10.63
CA TRP A 184 20.91 9.45 9.67
C TRP A 184 20.16 10.76 9.97
N GLN A 185 20.85 11.79 10.49
CA GLN A 185 20.22 13.08 10.78
C GLN A 185 20.04 13.82 9.47
N MET A 186 18.81 14.25 9.17
CA MET A 186 18.55 14.87 7.88
C MET A 186 19.40 16.13 7.63
N GLY A 187 19.69 16.86 8.71
CA GLY A 187 20.52 18.05 8.61
C GLY A 187 19.66 19.27 8.30
N GLU A 188 20.20 20.44 8.62
CA GLU A 188 19.54 21.74 8.33
C GLU A 188 20.24 22.52 7.23
N GLN A 189 21.47 22.14 6.89
CA GLN A 189 22.29 22.98 6.02
C GLN A 189 22.17 22.58 4.55
N ALA A 190 22.05 23.58 3.65
CA ALA A 190 21.88 23.33 2.22
C ALA A 190 23.15 22.75 1.57
N ASP A 191 24.31 22.94 2.20
CA ASP A 191 25.54 22.28 1.71
C ASP A 191 25.62 20.79 2.12
N GLY A 192 24.68 20.34 2.96
CA GLY A 192 24.66 18.91 3.41
C GLY A 192 25.68 18.51 4.47
N LYS A 193 26.46 19.46 4.99
CA LYS A 193 27.55 19.12 5.94
C LYS A 193 27.08 18.53 7.27
N ASP A 194 25.82 18.77 7.62
CA ASP A 194 25.26 18.23 8.85
C ASP A 194 24.25 17.13 8.55
N SER A 195 24.20 16.71 7.28
CA SER A 195 23.34 15.56 6.91
C SER A 195 24.21 14.28 7.03
N ILE A 196 24.33 13.76 8.24
CA ILE A 196 25.33 12.75 8.58
C ILE A 196 24.75 11.69 9.51
N ALA A 197 25.43 10.55 9.61
CA ALA A 197 25.02 9.48 10.50
C ALA A 197 25.78 9.57 11.81
N ARG A 198 25.13 9.09 12.86
CA ARG A 198 25.72 8.94 14.17
C ARG A 198 25.13 7.71 14.84
N GLN A 199 25.95 7.05 15.65
CA GLN A 199 25.53 5.91 16.42
C GLN A 199 24.67 6.35 17.60
N ILE A 200 23.55 5.67 17.80
CA ILE A 200 22.61 5.93 18.87
C ILE A 200 22.94 4.99 20.01
N ALA A 201 23.28 3.75 19.64
CA ALA A 201 23.74 2.78 20.61
C ALA A 201 24.58 1.71 19.92
N PRO A 202 25.56 1.14 20.64
CA PRO A 202 26.49 0.14 20.09
C PRO A 202 25.85 -1.24 19.88
N GLU A 203 26.50 -2.08 19.08
CA GLU A 203 25.95 -3.38 18.71
C GLU A 203 25.83 -4.31 19.90
N TRP A 204 26.61 -4.07 20.97
CA TRP A 204 26.44 -4.80 22.25
C TRP A 204 25.33 -4.30 23.17
N HIS A 205 24.57 -3.28 22.72
CA HIS A 205 23.53 -2.68 23.54
C HIS A 205 22.39 -3.65 23.80
N TRP A 206 22.04 -4.45 22.79
CA TRP A 206 20.83 -5.28 22.85
C TRP A 206 21.12 -6.66 22.21
N PRO A 207 22.01 -7.44 22.83
CA PRO A 207 22.48 -8.72 22.26
C PRO A 207 21.37 -9.73 21.94
N GLN A 208 20.22 -9.62 22.63
CA GLN A 208 19.09 -10.57 22.47
C GLN A 208 18.32 -10.32 21.17
N LEU A 209 18.52 -9.15 20.56
CA LEU A 209 17.81 -8.78 19.35
C LEU A 209 18.24 -9.63 18.17
N ARG A 210 17.24 -10.14 17.47
CA ARG A 210 17.43 -11.00 16.29
C ARG A 210 16.69 -10.48 15.08
N ILE A 211 17.27 -10.73 13.91
CA ILE A 211 16.69 -10.29 12.66
C ILE A 211 16.57 -11.48 11.73
N LEU A 212 15.39 -11.64 11.15
CA LEU A 212 15.13 -12.75 10.25
C LEU A 212 14.66 -12.19 8.93
N ILE A 213 15.41 -12.42 7.85
CA ILE A 213 14.98 -11.95 6.53
C ILE A 213 14.25 -13.06 5.79
N LEU A 214 12.96 -12.87 5.56
CA LEU A 214 12.13 -13.85 4.87
C LEU A 214 12.14 -13.48 3.41
N VAL A 215 12.87 -14.28 2.62
CA VAL A 215 13.01 -14.05 1.18
C VAL A 215 11.84 -14.71 0.47
N VAL A 216 11.06 -13.89 -0.21
CA VAL A 216 9.81 -14.36 -0.80
C VAL A 216 9.98 -14.66 -2.29
N SER A 217 9.18 -15.60 -2.78
CA SER A 217 9.36 -16.19 -4.12
C SER A 217 9.11 -15.22 -5.25
N ALA A 218 9.02 -13.94 -4.92
CA ALA A 218 8.31 -12.96 -5.75
C ALA A 218 9.14 -11.96 -6.56
N ASP A 219 8.75 -11.72 -7.82
CA ASP A 219 9.22 -10.59 -8.62
C ASP A 219 8.18 -10.22 -9.69
N LYS A 221 10.84 -6.97 -11.89
CA LYS A 221 11.41 -5.64 -11.77
C LYS A 221 10.57 -4.80 -10.80
N GLN A 222 11.16 -4.51 -9.63
CA GLN A 222 10.56 -3.58 -8.67
C GLN A 222 10.91 -2.14 -9.06
N THR A 223 10.02 -1.20 -8.79
CA THR A 223 10.36 0.25 -8.94
C THR A 223 11.66 0.60 -8.23
N GLY A 224 12.61 1.16 -8.99
CA GLY A 224 13.86 1.67 -8.45
C GLY A 224 13.56 2.69 -7.38
N SER A 225 14.24 2.60 -6.25
CA SER A 225 13.90 3.51 -5.14
C SER A 225 14.35 4.96 -5.36
N THR A 226 15.46 5.18 -6.07
CA THR A 226 15.86 6.56 -6.37
C THR A 226 14.78 7.28 -7.21
N VAL A 227 14.46 6.72 -8.36
CA VAL A 227 13.42 7.28 -9.22
C VAL A 227 12.06 7.27 -8.49
N GLY A 228 11.73 6.15 -7.86
CA GLY A 228 10.46 6.01 -7.18
C GLY A 228 10.23 7.06 -6.10
N MET A 229 11.20 7.24 -5.19
CA MET A 229 10.99 8.17 -4.07
C MET A 229 10.85 9.61 -4.56
N GLN A 230 11.47 9.93 -5.69
CA GLN A 230 11.32 11.29 -6.21
C GLN A 230 9.89 11.49 -6.78
N THR A 231 9.35 10.47 -7.46
CA THR A 231 7.91 10.52 -7.84
C THR A 231 7.02 10.72 -6.61
N SER A 232 7.35 10.05 -5.49
CA SER A 232 6.58 10.26 -4.26
C SER A 232 6.69 11.70 -3.75
N VAL A 233 7.90 12.24 -3.75
CA VAL A 233 8.06 13.65 -3.33
C VAL A 233 7.20 14.55 -4.19
N GLU A 234 7.17 14.28 -5.50
CA GLU A 234 6.40 15.10 -6.44
C GLU A 234 4.88 14.97 -6.29
N THR A 235 4.39 13.81 -5.86
CA THR A 235 2.94 13.51 -6.03
C THR A 235 2.18 13.04 -4.78
N SER A 236 2.90 12.59 -3.73
CA SER A 236 2.22 12.13 -2.52
C SER A 236 2.07 13.22 -1.45
N THR A 237 0.84 13.68 -1.23
CA THR A 237 0.61 14.66 -0.15
C THR A 237 0.80 14.05 1.23
N LEU A 238 0.49 12.75 1.35
CA LEU A 238 0.72 12.03 2.59
C LEU A 238 2.20 11.97 2.94
N LEU A 239 3.07 11.77 1.94
CA LEU A 239 4.51 11.79 2.19
C LEU A 239 4.98 13.11 2.87
N LYS A 240 4.46 14.22 2.40
CA LYS A 240 4.84 15.54 2.96
C LYS A 240 4.41 15.66 4.39
N PHE A 241 3.19 15.21 4.68
CA PHE A 241 2.69 15.20 6.04
C PHE A 241 3.51 14.27 6.93
N ARG A 242 3.76 13.07 6.44
CA ARG A 242 4.65 12.14 7.13
C ARG A 242 5.98 12.83 7.50
N ALA A 243 6.70 13.40 6.53
CA ALA A 243 8.04 13.94 6.81
C ALA A 243 7.97 15.12 7.77
N GLU A 244 6.97 15.98 7.58
CA GLU A 244 6.89 17.20 8.36
C GLU A 244 6.40 16.97 9.78
N SER A 245 5.38 16.12 9.92
CA SER A 245 4.58 16.06 11.15
C SER A 245 4.65 14.74 11.91
N VAL A 246 5.11 13.68 11.24
CA VAL A 246 5.18 12.37 11.89
C VAL A 246 6.61 11.97 12.27
N VAL A 247 7.53 12.03 11.30
CA VAL A 247 8.86 11.40 11.53
C VAL A 247 9.69 12.03 12.67
N PRO A 248 9.74 13.39 12.75
CA PRO A 248 10.61 13.95 13.79
C PRO A 248 10.31 13.42 15.18
N GLU A 249 9.03 13.34 15.53
CA GLU A 249 8.63 12.82 16.84
C GLU A 249 8.82 11.30 16.95
N ARG A 250 8.58 10.57 15.85
CA ARG A 250 8.84 9.13 15.83
C ARG A 250 10.32 8.79 16.05
N MET A 251 11.22 9.63 15.54
CA MET A 251 12.66 9.45 15.73
C MET A 251 12.99 9.43 17.21
N LYS A 252 12.37 10.34 17.96
CA LYS A 252 12.56 10.45 19.39
C LYS A 252 11.99 9.26 20.17
N GLU A 253 10.78 8.82 19.81
CA GLU A 253 10.16 7.66 20.46
C GLU A 253 10.97 6.41 20.21
N MET A 254 11.38 6.20 18.97
CA MET A 254 12.13 5.02 18.60
C MET A 254 13.48 4.98 19.31
N THR A 255 14.14 6.13 19.37
CA THR A 255 15.40 6.26 20.11
C THR A 255 15.23 5.84 21.56
N ARG A 256 14.17 6.33 22.20
CA ARG A 256 13.95 5.96 23.58
C ARG A 256 13.67 4.45 23.75
N CYS A 257 12.86 3.85 22.87
CA CYS A 257 12.59 2.41 22.92
C CYS A 257 13.88 1.62 22.81
N ILE A 258 14.74 2.04 21.90
CA ILE A 258 16.01 1.35 21.71
C ILE A 258 16.90 1.50 22.96
N GLN A 259 17.00 2.72 23.47
CA GLN A 259 17.82 2.98 24.67
C GLN A 259 17.38 2.12 25.83
N GLU A 260 16.06 2.01 25.99
CA GLU A 260 15.44 1.20 27.05
C GLU A 260 15.25 -0.32 26.77
N GLN A 261 15.70 -0.82 25.62
CA GLN A 261 15.48 -2.22 25.21
C GLN A 261 14.01 -2.55 25.38
N ASP A 262 13.16 -1.63 24.97
CA ASP A 262 11.72 -1.80 25.05
C ASP A 262 11.29 -2.54 23.77
N PHE A 263 11.24 -3.88 23.81
CA PHE A 263 10.93 -4.57 22.56
C PHE A 263 9.52 -4.28 22.04
N GLN A 264 8.52 -4.25 22.90
CA GLN A 264 7.16 -4.05 22.39
C GLN A 264 7.00 -2.67 21.72
N GLY A 265 7.56 -1.64 22.35
CA GLY A 265 7.52 -0.27 21.80
C GLY A 265 8.29 -0.19 20.49
N PHE A 266 9.49 -0.76 20.48
CA PHE A 266 10.32 -0.81 19.29
C PHE A 266 9.54 -1.46 18.14
N ALA A 267 8.90 -2.60 18.44
CA ALA A 267 8.27 -3.45 17.45
C ALA A 267 7.04 -2.79 16.86
N GLN A 268 6.23 -2.21 17.73
CA GLN A 268 5.04 -1.49 17.29
C GLN A 268 5.39 -0.31 16.41
N LEU A 269 6.36 0.50 16.80
CA LEU A 269 6.79 1.64 16.00
C LEU A 269 7.40 1.18 14.65
N THR A 270 8.16 0.08 14.68
CA THR A 270 8.78 -0.49 13.50
C THR A 270 7.70 -0.86 12.46
N MET A 271 6.67 -1.60 12.91
CA MET A 271 5.58 -2.00 12.01
C MET A 271 4.84 -0.79 11.50
N LYS A 272 4.49 0.13 12.40
CA LYS A 272 3.79 1.37 11.97
C LYS A 272 4.58 2.18 10.96
N ASP A 273 5.90 2.35 11.16
CA ASP A 273 6.64 3.15 10.21
C ASP A 273 6.83 2.43 8.87
N SER A 274 6.96 1.12 8.91
CA SER A 274 6.98 0.34 7.64
C SER A 274 5.67 0.55 6.89
N ASN A 275 4.55 0.33 7.59
CA ASN A 275 3.25 0.41 6.93
C ASN A 275 3.01 1.82 6.40
N GLN A 276 3.44 2.83 7.18
CA GLN A 276 3.31 4.22 6.70
C GLN A 276 4.11 4.55 5.44
N PHE A 277 5.35 4.09 5.40
CA PHE A 277 6.20 4.21 4.21
C PHE A 277 5.49 3.59 2.98
N HIS A 278 5.00 2.35 3.12
CA HIS A 278 4.31 1.71 1.98
C HIS A 278 3.01 2.41 1.64
N ALA A 279 2.37 3.01 2.65
CA ALA A 279 1.18 3.84 2.39
C ALA A 279 1.53 5.05 1.51
N THR A 280 2.65 5.72 1.78
CA THR A 280 3.06 6.83 0.90
C THR A 280 3.41 6.39 -0.52
N CYS A 281 3.97 5.19 -0.67
CA CYS A 281 4.23 4.63 -2.01
C CYS A 281 2.90 4.43 -2.75
N LEU A 282 1.90 3.91 -2.04
CA LEU A 282 0.57 3.73 -2.65
C LEU A 282 -0.13 5.05 -2.98
N ASP A 283 0.15 6.09 -2.19
CA ASP A 283 -0.36 7.45 -2.42
C ASP A 283 0.40 8.22 -3.52
N THR A 284 1.47 7.61 -4.06
CA THR A 284 2.27 8.20 -5.14
C THR A 284 1.49 8.03 -6.46
N PHE A 285 1.69 8.95 -7.42
CA PHE A 285 1.02 8.86 -8.72
C PHE A 285 2.03 8.89 -9.87
N PRO A 286 2.13 7.81 -10.65
CA PRO A 286 1.44 6.54 -10.47
C PRO A 286 1.93 5.81 -9.20
N PRO A 287 1.10 4.91 -8.64
CA PRO A 287 1.41 4.33 -7.33
C PRO A 287 2.54 3.32 -7.42
N ILE A 288 3.29 3.22 -6.33
CA ILE A 288 4.37 2.24 -6.23
C ILE A 288 3.94 1.17 -5.21
N SER A 289 4.04 -0.11 -5.59
N SER A 289 4.08 -0.08 -5.63
CA SER A 289 3.61 -1.20 -4.70
CA SER A 289 3.72 -1.20 -4.81
C SER A 289 4.71 -2.24 -4.58
C SER A 289 4.98 -2.03 -4.66
N TYR A 290 5.33 -2.30 -3.41
CA TYR A 290 6.43 -3.21 -3.11
C TYR A 290 5.96 -4.48 -2.41
N LEU A 291 4.95 -4.36 -1.55
CA LEU A 291 4.40 -5.54 -0.88
C LEU A 291 3.58 -6.33 -1.90
N ASN A 292 3.67 -7.65 -1.83
CA ASN A 292 2.77 -8.50 -2.60
C ASN A 292 1.86 -9.36 -1.69
N ASP A 293 1.14 -10.30 -2.30
CA ASP A 293 0.22 -11.12 -1.50
C ASP A 293 0.96 -11.95 -0.46
N THR A 294 2.20 -12.36 -0.75
CA THR A 294 2.99 -13.05 0.28
C THR A 294 3.40 -12.12 1.44
N SER A 295 3.83 -10.90 1.11
CA SER A 295 4.07 -9.88 2.15
C SER A 295 2.86 -9.74 3.07
N ARG A 296 1.67 -9.66 2.48
CA ARG A 296 0.46 -9.47 3.24
C ARG A 296 0.19 -10.69 4.14
N ARG A 297 0.43 -11.91 3.63
CA ARG A 297 0.33 -13.11 4.49
C ARG A 297 1.35 -13.09 5.64
N ILE A 298 2.55 -12.60 5.38
CA ILE A 298 3.54 -12.51 6.49
C ILE A 298 3.09 -11.53 7.56
N ILE A 299 2.59 -10.38 7.13
CA ILE A 299 2.05 -9.40 8.05
C ILE A 299 0.93 -10.02 8.93
N GLN A 300 0.00 -10.73 8.28
CA GLN A 300 -1.07 -11.39 9.03
C GLN A 300 -0.53 -12.41 10.05
N LEU A 301 0.46 -13.20 9.64
CA LEU A 301 1.11 -14.18 10.53
C LEU A 301 1.69 -13.49 11.77
N VAL A 302 2.41 -12.39 11.53
CA VAL A 302 2.99 -11.63 12.62
C VAL A 302 1.93 -11.16 13.58
N HIS A 303 0.86 -10.54 13.06
CA HIS A 303 -0.17 -10.03 13.98
C HIS A 303 -0.90 -11.18 14.75
N ARG A 304 -1.19 -12.27 14.05
CA ARG A 304 -1.81 -13.46 14.68
C ARG A 304 -0.93 -14.10 15.76
N PHE A 305 0.36 -14.22 15.45
CA PHE A 305 1.33 -14.75 16.41
C PHE A 305 1.33 -13.89 17.68
N ASN A 306 1.39 -12.56 17.52
CA ASN A 306 1.37 -11.62 18.67
C ASN A 306 0.07 -11.70 19.47
N THR A 307 -1.05 -11.73 18.76
CA THR A 307 -2.36 -11.84 19.39
C THR A 307 -2.45 -13.11 20.22
N HIS A 308 -1.96 -14.21 19.67
CA HIS A 308 -1.98 -15.47 20.42
C HIS A 308 -1.18 -15.35 21.72
N HIS A 309 -0.04 -14.66 21.68
CA HIS A 309 0.79 -14.50 22.86
C HIS A 309 0.27 -13.41 23.79
N GLY A 310 -0.65 -12.60 23.28
CA GLY A 310 -1.19 -11.47 24.04
C GLY A 310 -0.17 -10.36 24.27
N GLN A 311 0.87 -10.30 23.43
CA GLN A 311 2.02 -9.40 23.62
C GLN A 311 2.65 -9.22 22.26
N THR A 312 3.29 -8.08 22.04
CA THR A 312 4.07 -7.87 20.83
C THR A 312 5.43 -8.59 20.94
N LYS A 313 5.51 -9.77 20.33
CA LYS A 313 6.67 -10.64 20.36
C LYS A 313 7.55 -10.52 19.11
N VAL A 314 6.93 -10.08 18.01
CA VAL A 314 7.54 -10.06 16.69
C VAL A 314 7.14 -8.76 15.91
N ALA A 315 8.09 -8.18 15.17
CA ALA A 315 7.83 -7.02 14.31
C ALA A 315 8.21 -7.37 12.88
N TYR A 316 7.51 -6.78 11.89
CA TYR A 316 7.99 -6.81 10.51
C TYR A 316 8.38 -5.40 10.06
N THR A 317 9.22 -5.32 9.03
CA THR A 317 9.42 -4.05 8.30
C THR A 317 9.81 -4.47 6.89
N PHE A 318 9.45 -3.65 5.92
CA PHE A 318 9.66 -3.97 4.53
C PHE A 318 10.35 -2.78 3.90
N ASP A 319 11.35 -3.06 3.07
CA ASP A 319 12.00 -2.04 2.26
C ASP A 319 11.42 -1.97 0.87
N ALA A 320 12.24 -1.69 -0.16
CA ALA A 320 11.69 -1.47 -1.51
C ALA A 320 11.50 -2.78 -2.25
N GLY A 321 10.71 -3.65 -1.65
CA GLY A 321 10.47 -4.95 -2.22
C GLY A 321 9.63 -5.76 -1.27
N PRO A 322 9.21 -6.96 -1.70
CA PRO A 322 8.30 -7.73 -0.88
C PRO A 322 8.90 -8.56 0.26
N ASN A 323 10.22 -8.70 0.34
CA ASN A 323 10.80 -9.52 1.41
C ASN A 323 10.48 -8.95 2.78
N ALA A 324 10.12 -9.82 3.73
CA ALA A 324 9.85 -9.35 5.09
C ALA A 324 11.10 -9.41 5.94
N VAL A 325 11.42 -8.30 6.60
CA VAL A 325 12.47 -8.31 7.63
C VAL A 325 11.81 -8.36 8.99
N ILE A 326 12.10 -9.41 9.73
CA ILE A 326 11.45 -9.64 11.01
C ILE A 326 12.42 -9.33 12.13
N PHE A 327 11.95 -8.59 13.14
CA PHE A 327 12.69 -8.43 14.39
C PHE A 327 11.99 -9.25 15.48
N THR A 328 12.78 -9.93 16.29
CA THR A 328 12.23 -10.62 17.45
C THR A 328 13.38 -10.83 18.44
N LEU A 329 13.07 -11.27 19.67
CA LEU A 329 14.12 -11.59 20.64
C LEU A 329 14.59 -13.04 20.48
N GLU A 330 15.84 -13.28 20.89
CA GLU A 330 16.46 -14.61 20.82
C GLU A 330 15.55 -15.73 21.31
N ASP A 331 14.85 -15.50 22.42
CA ASP A 331 13.98 -16.50 23.01
C ASP A 331 12.70 -16.81 22.22
N THR A 332 12.42 -16.03 21.18
CA THR A 332 11.20 -16.22 20.38
C THR A 332 11.52 -16.79 19.00
N VAL A 333 12.79 -16.76 18.60
CA VAL A 333 13.20 -17.11 17.24
C VAL A 333 12.73 -18.50 16.82
N ALA A 334 13.06 -19.51 17.64
CA ALA A 334 12.68 -20.89 17.31
C ALA A 334 11.17 -21.06 17.05
N GLU A 335 10.33 -20.56 17.97
CA GLU A 335 8.88 -20.66 17.81
C GLU A 335 8.41 -19.92 16.55
N PHE A 336 8.92 -18.73 16.32
CA PHE A 336 8.42 -17.97 15.17
C PHE A 336 8.81 -18.63 13.86
N VAL A 337 10.02 -19.18 13.79
CA VAL A 337 10.46 -19.92 12.59
C VAL A 337 9.56 -21.12 12.31
N ALA A 338 9.17 -21.80 13.38
CA ALA A 338 8.18 -22.90 13.30
C ALA A 338 6.84 -22.38 12.77
N ALA A 339 6.45 -21.18 13.16
CA ALA A 339 5.17 -20.62 12.68
C ALA A 339 5.26 -20.28 11.17
N VAL A 340 6.41 -19.72 10.75
CA VAL A 340 6.68 -19.48 9.32
C VAL A 340 6.57 -20.78 8.51
N ARG A 341 7.19 -21.83 9.00
CA ARG A 341 7.12 -23.14 8.35
C ARG A 341 5.69 -23.65 8.27
N HIS A 342 4.93 -23.43 9.33
CA HIS A 342 3.52 -23.80 9.33
C HIS A 342 2.72 -23.03 8.27
N SER A 343 2.86 -21.70 8.26
CA SER A 343 2.04 -20.88 7.40
C SER A 343 2.54 -20.85 5.95
N PHE A 344 3.81 -21.15 5.76
CA PHE A 344 4.43 -21.16 4.44
C PHE A 344 5.29 -22.41 4.32
N PRO A 345 4.65 -23.61 4.21
CA PRO A 345 5.45 -24.82 4.20
C PRO A 345 6.52 -24.74 3.13
N PRO A 346 7.80 -24.87 3.54
CA PRO A 346 8.89 -24.54 2.64
C PRO A 346 9.17 -25.60 1.59
N ALA A 347 9.52 -25.13 0.40
CA ALA A 347 9.83 -26.03 -0.70
C ALA A 347 11.32 -26.35 -0.69
N ALA A 348 11.88 -26.51 0.52
CA ALA A 348 13.30 -26.78 0.76
C ALA A 348 13.56 -27.36 2.16
N ASN A 349 14.45 -28.35 2.24
CA ASN A 349 14.73 -29.05 3.52
C ASN A 349 15.89 -28.41 4.32
N LYS A 352 18.23 -26.32 5.08
CA LYS A 352 18.66 -25.27 4.15
C LYS A 352 17.63 -24.14 4.03
N PHE A 353 16.58 -24.24 4.84
CA PHE A 353 15.55 -23.21 4.92
C PHE A 353 16.09 -22.04 5.69
N LEU A 354 16.95 -22.35 6.68
CA LEU A 354 17.46 -21.35 7.59
C LEU A 354 18.92 -21.12 7.23
N LYS A 355 19.24 -19.92 6.76
CA LYS A 355 20.64 -19.52 6.53
C LYS A 355 21.10 -18.60 7.65
N GLY A 356 22.40 -18.57 7.91
CA GLY A 356 22.96 -17.72 8.97
C GLY A 356 22.91 -18.41 10.32
N LEU A 357 22.38 -17.72 11.33
CA LEU A 357 22.31 -18.27 12.68
C LEU A 357 21.34 -19.44 12.73
N GLN A 358 21.75 -20.53 13.37
CA GLN A 358 20.86 -21.69 13.50
C GLN A 358 20.20 -21.69 14.86
N VAL A 359 18.94 -22.10 14.91
CA VAL A 359 18.35 -22.48 16.19
C VAL A 359 17.66 -23.84 16.07
N ALA A 360 17.76 -24.64 17.14
CA ALA A 360 17.12 -25.96 17.17
C ALA A 360 15.62 -25.80 16.84
N PRO A 361 15.05 -26.73 16.05
CA PRO A 361 13.61 -26.65 15.73
C PRO A 361 12.73 -26.88 16.97
N VAL A 362 11.52 -26.35 16.96
CA VAL A 362 10.59 -26.49 18.06
C VAL A 362 9.21 -26.80 17.48
N LEU A 363 8.37 -27.50 18.26
CA LEU A 363 7.00 -27.83 17.87
C LEU A 363 6.05 -26.74 18.34
N LEU A 364 5.10 -26.36 17.49
CA LEU A 364 4.08 -25.39 17.88
C LEU A 364 2.98 -26.07 18.68
N SER A 365 2.46 -25.36 19.68
CA SER A 365 1.27 -25.84 20.40
C SER A 365 0.06 -25.97 19.46
N ASP A 366 -0.87 -26.85 19.82
CA ASP A 366 -2.16 -26.94 19.13
C ASP A 366 -2.88 -25.60 19.07
N GLU A 367 -2.75 -24.79 20.12
CA GLU A 367 -3.46 -23.51 20.23
C GLU A 367 -2.91 -22.50 19.22
N LEU A 368 -1.59 -22.46 19.08
CA LEU A 368 -1.01 -21.55 18.11
C LEU A 368 -1.33 -21.97 16.68
N LYS A 369 -1.20 -23.27 16.39
CA LYS A 369 -1.53 -23.80 15.07
C LYS A 369 -2.91 -23.37 14.57
N ALA A 370 -3.92 -23.48 15.44
CA ALA A 370 -5.29 -23.12 15.10
C ALA A 370 -5.53 -21.62 15.00
N ALA A 371 -4.66 -20.83 15.61
CA ALA A 371 -4.70 -19.37 15.55
C ALA A 371 -4.05 -18.86 14.27
N LEU A 372 -3.26 -19.72 13.62
CA LEU A 372 -2.61 -19.37 12.36
C LEU A 372 -3.51 -19.76 11.19
N VAL A 373 -3.08 -19.40 9.98
CA VAL A 373 -3.90 -19.54 8.78
C VAL A 373 -4.29 -21.00 8.57
N VAL A 374 -5.57 -21.23 8.26
CA VAL A 374 -6.09 -22.59 8.01
C VAL A 374 -5.53 -23.12 6.68
N GLU A 375 -5.44 -22.23 5.69
CA GLU A 375 -4.96 -22.57 4.37
C GLU A 375 -3.58 -21.95 4.15
N PRO A 376 -2.51 -22.75 4.29
CA PRO A 376 -1.18 -22.17 4.21
C PRO A 376 -0.72 -21.88 2.78
N SER A 377 0.44 -21.27 2.64
CA SER A 377 0.98 -20.87 1.35
C SER A 377 2.36 -21.52 1.07
N PRO A 378 2.34 -22.80 0.62
CA PRO A 378 3.59 -23.54 0.41
C PRO A 378 4.53 -22.86 -0.57
N GLY A 379 5.79 -22.70 -0.18
CA GLY A 379 6.78 -22.02 -1.01
C GLY A 379 6.71 -20.50 -1.05
N GLY A 380 5.72 -19.89 -0.39
CA GLY A 380 5.71 -18.41 -0.24
C GLY A 380 7.03 -17.82 0.26
N VAL A 381 7.71 -18.54 1.17
CA VAL A 381 9.01 -18.08 1.69
C VAL A 381 10.10 -19.02 1.18
N GLN A 382 11.08 -18.47 0.45
CA GLN A 382 12.13 -19.27 -0.18
C GLN A 382 13.11 -19.79 0.84
N TYR A 383 13.50 -18.92 1.76
CA TYR A 383 14.40 -19.25 2.83
C TYR A 383 14.40 -18.11 3.82
N ILE A 384 15.07 -18.33 4.95
CA ILE A 384 15.24 -17.29 5.96
C ILE A 384 16.72 -17.04 6.18
N ILE A 385 17.12 -15.76 6.17
CA ILE A 385 18.47 -15.39 6.63
C ILE A 385 18.34 -14.91 8.07
N ALA A 386 19.02 -15.60 8.97
CA ALA A 386 18.95 -15.29 10.40
C ALA A 386 20.23 -14.60 10.80
N THR A 387 20.11 -13.41 11.38
CA THR A 387 21.30 -12.66 11.77
C THR A 387 21.02 -11.88 13.06
N GLN A 388 21.90 -10.96 13.40
CA GLN A 388 21.80 -10.25 14.66
C GLN A 388 22.43 -8.86 14.45
N VAL A 389 22.43 -8.02 15.48
CA VAL A 389 23.01 -6.67 15.38
C VAL A 389 24.51 -6.78 15.31
N GLY A 390 25.16 -5.94 14.49
CA GLY A 390 26.62 -6.09 14.32
C GLY A 390 27.41 -4.78 14.25
N PRO A 391 28.74 -4.90 14.14
CA PRO A 391 29.64 -3.75 14.12
C PRO A 391 29.65 -3.00 12.80
N GLY A 392 30.37 -1.87 12.80
CA GLY A 392 30.63 -1.09 11.60
C GLY A 392 31.67 -1.75 10.72
N PRO A 393 32.09 -1.06 9.66
CA PRO A 393 33.14 -1.47 8.75
C PRO A 393 34.43 -1.87 9.46
N GLN A 394 35.17 -2.80 8.86
CA GLN A 394 36.39 -3.38 9.44
C GLN A 394 37.46 -3.45 8.37
N VAL A 395 38.70 -3.15 8.76
CA VAL A 395 39.86 -3.35 7.90
C VAL A 395 40.29 -4.83 7.99
N LEU A 396 40.47 -5.47 6.85
CA LEU A 396 41.02 -6.84 6.81
C LEU A 396 42.54 -6.77 6.72
N ASP A 397 43.24 -7.61 7.48
CA ASP A 397 44.71 -7.57 7.47
C ASP A 397 45.38 -8.80 6.85
N ASP A 398 44.63 -9.61 6.10
CA ASP A 398 45.26 -10.75 5.42
C ASP A 398 45.46 -10.54 3.92
N THR A 399 46.71 -10.78 3.49
CA THR A 399 47.15 -10.72 2.09
C THR A 399 46.14 -11.33 1.10
N HIS A 400 45.59 -12.50 1.47
CA HIS A 400 44.71 -13.26 0.61
C HIS A 400 43.30 -12.68 0.55
N ASP A 401 42.99 -11.72 1.42
CA ASP A 401 41.67 -11.08 1.43
C ASP A 401 41.51 -10.14 0.26
N HIS A 402 42.62 -9.67 -0.31
CA HIS A 402 42.55 -8.69 -1.39
C HIS A 402 41.90 -9.26 -2.64
N LEU A 403 40.92 -8.54 -3.18
CA LEU A 403 40.18 -9.00 -4.35
C LEU A 403 40.86 -8.62 -5.65
N LEU A 404 42.04 -7.99 -5.54
CA LEU A 404 42.89 -7.68 -6.68
C LEU A 404 44.21 -8.40 -6.52
N GLY A 405 44.77 -8.86 -7.64
CA GLY A 405 46.11 -9.43 -7.62
C GLY A 405 47.19 -8.36 -7.67
N GLN A 406 48.44 -8.80 -7.66
CA GLN A 406 49.62 -7.95 -7.80
C GLN A 406 49.50 -7.00 -8.98
N ASP A 407 48.95 -7.50 -10.09
CA ASP A 407 48.70 -6.68 -11.29
C ASP A 407 47.68 -5.53 -11.08
N GLY A 408 46.98 -5.54 -9.94
CA GLY A 408 45.91 -4.57 -9.66
C GLY A 408 44.64 -4.89 -10.43
N LEU A 409 44.51 -6.15 -10.83
CA LEU A 409 43.36 -6.65 -11.56
C LEU A 409 42.72 -7.76 -10.73
N PRO A 410 41.40 -7.99 -10.88
CA PRO A 410 40.72 -9.05 -10.14
C PRO A 410 41.39 -10.42 -10.31
N GLN A 411 41.33 -11.23 -9.26
CA GLN A 411 41.84 -12.60 -9.32
C GLN A 411 40.76 -13.60 -9.76
N ASP B 21 -53.75 -3.28 3.22
CA ASP B 21 -52.80 -4.30 2.64
C ASP B 21 -52.19 -3.82 1.34
N LEU B 22 -50.95 -3.38 1.43
CA LEU B 22 -50.28 -2.78 0.30
C LEU B 22 -48.93 -3.46 0.07
N MET B 23 -48.61 -3.73 -1.19
CA MET B 23 -47.34 -4.31 -1.61
C MET B 23 -46.75 -3.41 -2.69
N VAL B 24 -45.49 -3.01 -2.51
CA VAL B 24 -44.76 -2.23 -3.49
C VAL B 24 -43.38 -2.83 -3.76
N THR B 25 -43.00 -2.82 -5.03
CA THR B 25 -41.67 -3.25 -5.46
C THR B 25 -40.94 -2.11 -6.17
N CYS B 26 -39.71 -1.83 -5.71
CA CYS B 26 -38.82 -0.84 -6.35
C CYS B 26 -37.46 -1.42 -6.64
N THR B 27 -36.69 -0.72 -7.50
CA THR B 27 -35.28 -1.06 -7.66
C THR B 27 -34.44 0.17 -7.27
N ALA B 28 -33.17 -0.04 -6.90
CA ALA B 28 -32.22 1.02 -6.56
C ALA B 28 -30.88 0.65 -7.19
N PRO B 29 -30.06 1.65 -7.54
CA PRO B 29 -28.79 1.42 -8.18
C PRO B 29 -27.63 1.25 -7.17
N VAL B 30 -26.56 0.61 -7.62
CA VAL B 30 -25.29 0.73 -6.91
C VAL B 30 -24.65 2.04 -7.34
N ASN B 31 -23.70 2.52 -6.52
CA ASN B 31 -22.94 3.69 -6.89
C ASN B 31 -21.47 3.40 -6.55
N ILE B 32 -20.57 4.06 -7.27
CA ILE B 32 -19.14 3.93 -7.04
C ILE B 32 -18.58 5.28 -6.60
N ALA B 33 -18.01 5.34 -5.41
CA ALA B 33 -17.41 6.57 -4.94
C ALA B 33 -16.13 6.87 -5.74
N VAL B 34 -16.04 8.07 -6.27
CA VAL B 34 -14.77 8.51 -6.87
C VAL B 34 -13.98 9.39 -5.87
N ILE B 35 -14.69 10.07 -4.97
CA ILE B 35 -14.07 10.65 -3.77
C ILE B 35 -14.55 9.80 -2.61
N LYS B 36 -13.62 9.06 -2.01
CA LYS B 36 -13.98 7.99 -1.08
C LYS B 36 -14.47 8.40 0.30
N TYR B 37 -15.51 7.70 0.77
CA TYR B 37 -15.95 7.72 2.16
C TYR B 37 -15.11 6.72 2.92
N TRP B 38 -14.41 7.17 3.98
CA TRP B 38 -13.71 6.19 4.82
C TRP B 38 -13.46 6.79 6.19
N GLY B 39 -14.26 6.39 7.17
CA GLY B 39 -14.14 6.85 8.56
C GLY B 39 -15.36 7.70 8.95
N LYS B 40 -15.94 7.36 10.10
CA LYS B 40 -17.03 8.13 10.69
C LYS B 40 -16.51 9.00 11.81
N ARG B 41 -17.12 10.18 11.88
CA ARG B 41 -16.96 11.06 13.04
C ARG B 41 -18.01 10.77 14.11
N ASP B 42 -19.12 10.14 13.70
CA ASP B 42 -20.16 9.77 14.64
C ASP B 42 -20.65 8.40 14.21
N GLU B 43 -20.30 7.39 15.01
CA GLU B 43 -20.68 6.01 14.69
C GLU B 43 -22.16 5.77 14.89
N ALA B 44 -22.81 6.52 15.77
CA ALA B 44 -24.22 6.30 16.09
C ALA B 44 -25.14 6.84 14.98
N LEU B 45 -24.90 8.07 14.57
CA LEU B 45 -25.71 8.70 13.55
C LEU B 45 -25.18 8.44 12.13
N ILE B 46 -24.04 7.75 12.03
CA ILE B 46 -23.36 7.49 10.74
C ILE B 46 -23.02 8.82 10.05
N LEU B 47 -22.15 9.58 10.69
CA LEU B 47 -21.70 10.85 10.11
C LEU B 47 -20.23 10.68 9.76
N PRO B 48 -19.80 11.12 8.54
CA PRO B 48 -18.45 10.78 8.08
C PRO B 48 -17.45 11.88 8.43
N ILE B 49 -16.16 11.51 8.41
CA ILE B 49 -15.09 12.51 8.60
C ILE B 49 -14.84 13.38 7.38
N ASN B 50 -15.37 12.97 6.22
CA ASN B 50 -15.28 13.80 5.00
C ASN B 50 -16.45 13.51 4.08
N SER B 51 -16.70 14.44 3.17
CA SER B 51 -17.72 14.28 2.16
C SER B 51 -17.24 13.29 1.12
N SER B 52 -18.17 12.75 0.33
CA SER B 52 -17.76 11.79 -0.69
C SER B 52 -18.57 12.05 -1.94
N LEU B 53 -18.16 11.47 -3.06
CA LEU B 53 -18.82 11.80 -4.33
C LEU B 53 -18.76 10.57 -5.18
N SER B 54 -19.91 10.19 -5.77
CA SER B 54 -20.04 8.91 -6.47
C SER B 54 -20.77 9.04 -7.80
N VAL B 55 -20.62 8.01 -8.61
CA VAL B 55 -21.32 7.88 -9.86
C VAL B 55 -22.36 6.78 -9.72
N THR B 56 -23.64 7.10 -9.97
CA THR B 56 -24.72 6.10 -9.92
C THR B 56 -24.67 5.22 -11.17
N LEU B 57 -24.63 3.89 -10.96
CA LEU B 57 -24.53 3.00 -12.14
C LEU B 57 -25.93 2.59 -12.61
N HIS B 58 -26.05 2.19 -13.88
CA HIS B 58 -27.37 1.97 -14.46
C HIS B 58 -28.05 0.69 -13.94
N GLN B 59 -29.27 0.81 -13.42
CA GLN B 59 -30.10 -0.35 -13.01
C GLN B 59 -30.41 -1.37 -14.08
N ASP B 60 -30.25 -1.02 -15.35
CA ASP B 60 -30.34 -2.02 -16.42
C ASP B 60 -29.27 -3.09 -16.37
N GLN B 61 -28.16 -2.82 -15.69
CA GLN B 61 -27.10 -3.80 -15.52
C GLN B 61 -26.94 -4.31 -14.09
N LEU B 62 -27.05 -3.42 -13.10
CA LEU B 62 -26.91 -3.76 -11.69
C LEU B 62 -27.99 -3.10 -10.83
N LYS B 63 -28.68 -3.90 -10.03
CA LYS B 63 -29.78 -3.38 -9.21
C LYS B 63 -30.10 -4.26 -8.01
N THR B 64 -30.59 -3.61 -6.96
CA THR B 64 -31.29 -4.27 -5.89
C THR B 64 -32.79 -4.13 -6.19
N THR B 65 -33.53 -5.23 -6.04
CA THR B 65 -34.98 -5.15 -6.07
C THR B 65 -35.52 -5.45 -4.67
N THR B 66 -36.48 -4.66 -4.21
CA THR B 66 -37.05 -4.83 -2.89
C THR B 66 -38.55 -4.74 -2.99
N THR B 67 -39.20 -5.71 -2.35
CA THR B 67 -40.63 -5.69 -2.12
C THR B 67 -40.92 -5.48 -0.63
N VAL B 68 -41.80 -4.53 -0.35
CA VAL B 68 -42.32 -4.32 0.99
C VAL B 68 -43.82 -4.55 0.89
N ALA B 69 -44.35 -5.38 1.81
CA ALA B 69 -45.77 -5.55 2.02
C ALA B 69 -46.10 -5.19 3.46
N ILE B 70 -47.23 -4.51 3.62
CA ILE B 70 -47.72 -4.04 4.91
C ILE B 70 -49.13 -4.64 5.10
N SER B 71 -49.44 -5.13 6.30
CA SER B 71 -50.72 -5.80 6.57
C SER B 71 -51.03 -5.90 8.07
N LYS B 72 -52.34 -5.94 8.38
CA LYS B 72 -52.80 -6.22 9.76
C LYS B 72 -52.47 -7.65 10.12
N ASP B 73 -52.53 -8.52 9.11
CA ASP B 73 -52.32 -9.95 9.27
C ASP B 73 -50.91 -10.31 9.74
N PHE B 74 -49.95 -9.42 9.47
CA PHE B 74 -48.58 -9.65 9.89
C PHE B 74 -48.44 -9.31 11.38
N THR B 75 -47.97 -10.27 12.15
CA THR B 75 -47.79 -10.12 13.59
C THR B 75 -46.41 -9.55 13.96
N GLU B 76 -45.44 -9.72 13.05
CA GLU B 76 -44.05 -9.31 13.30
C GLU B 76 -43.36 -8.85 12.01
N ASP B 77 -42.36 -8.00 12.15
CA ASP B 77 -41.50 -7.63 11.02
C ASP B 77 -40.66 -8.82 10.56
N ARG B 78 -40.65 -9.07 9.25
CA ARG B 78 -39.87 -10.15 8.67
C ARG B 78 -39.12 -9.65 7.43
N ILE B 79 -37.87 -10.07 7.29
CA ILE B 79 -37.03 -9.59 6.19
C ILE B 79 -36.23 -10.77 5.59
N TRP B 80 -36.22 -10.82 4.27
CA TRP B 80 -35.43 -11.77 3.48
C TRP B 80 -34.44 -11.05 2.56
N LEU B 81 -33.27 -11.65 2.42
CA LEU B 81 -32.30 -11.17 1.44
C LEU B 81 -31.85 -12.36 0.61
N ASN B 82 -32.01 -12.25 -0.70
CA ASN B 82 -31.66 -13.30 -1.65
C ASN B 82 -32.20 -14.66 -1.25
N GLY B 83 -33.43 -14.63 -0.77
CA GLY B 83 -34.18 -15.82 -0.44
C GLY B 83 -34.00 -16.27 0.99
N ARG B 84 -33.02 -15.71 1.68
CA ARG B 84 -32.76 -16.15 3.06
C ARG B 84 -33.29 -15.16 4.10
N GLU B 85 -34.07 -15.67 5.06
CA GLU B 85 -34.59 -14.82 6.13
C GLU B 85 -33.46 -14.36 7.04
N GLU B 86 -33.49 -13.07 7.37
CA GLU B 86 -32.45 -12.42 8.17
C GLU B 86 -33.09 -11.91 9.45
N ASP B 87 -32.27 -11.60 10.43
CA ASP B 87 -32.73 -11.11 11.73
C ASP B 87 -33.13 -9.64 11.61
N VAL B 88 -34.44 -9.36 11.78
CA VAL B 88 -34.92 -7.96 11.76
C VAL B 88 -34.35 -7.06 12.86
N GLY B 89 -33.78 -7.67 13.89
CA GLY B 89 -33.25 -6.93 15.02
C GLY B 89 -31.88 -6.32 14.81
N GLN B 90 -31.30 -6.52 13.62
CA GLN B 90 -30.02 -5.91 13.24
C GLN B 90 -30.07 -4.40 13.54
N PRO B 91 -29.06 -3.87 14.26
CA PRO B 91 -29.10 -2.45 14.65
C PRO B 91 -29.34 -1.49 13.47
N ARG B 92 -28.69 -1.75 12.34
CA ARG B 92 -28.76 -0.83 11.20
C ARG B 92 -30.17 -0.86 10.61
N LEU B 93 -30.73 -2.08 10.53
CA LEU B 93 -32.09 -2.29 10.05
C LEU B 93 -33.12 -1.63 10.97
N GLN B 94 -32.97 -1.86 12.28
CA GLN B 94 -33.80 -1.17 13.26
C GLN B 94 -33.72 0.35 13.13
N ALA B 95 -32.51 0.91 12.93
CA ALA B 95 -32.33 2.36 12.79
C ALA B 95 -33.05 2.90 11.56
N CYS B 96 -32.95 2.17 10.45
CA CYS B 96 -33.62 2.55 9.20
C CYS B 96 -35.16 2.55 9.37
N LEU B 97 -35.69 1.46 9.92
CA LEU B 97 -37.13 1.31 10.16
C LEU B 97 -37.68 2.39 11.10
N ARG B 98 -36.93 2.67 12.17
CA ARG B 98 -37.32 3.68 13.16
C ARG B 98 -37.45 5.06 12.51
N GLU B 99 -36.44 5.44 11.73
CA GLU B 99 -36.42 6.75 11.07
C GLU B 99 -37.59 6.89 10.08
N ILE B 100 -37.85 5.87 9.26
CA ILE B 100 -38.97 5.95 8.29
C ILE B 100 -40.33 6.03 8.99
N ARG B 101 -40.50 5.23 10.05
CA ARG B 101 -41.74 5.21 10.81
C ARG B 101 -41.99 6.55 11.52
N ARG B 102 -40.91 7.16 12.02
CA ARG B 102 -41.00 8.51 12.60
C ARG B 102 -41.54 9.49 11.55
N LEU B 103 -40.98 9.45 10.35
CA LEU B 103 -41.41 10.32 9.26
C LEU B 103 -42.82 10.04 8.76
N ALA B 104 -43.19 8.77 8.74
CA ALA B 104 -44.55 8.35 8.33
C ALA B 104 -45.63 9.02 9.17
N ARG B 105 -45.45 8.99 10.50
CA ARG B 105 -46.38 9.67 11.41
C ARG B 105 -46.45 11.19 11.20
N LYS B 106 -45.30 11.80 10.91
CA LYS B 106 -45.20 13.24 10.68
C LYS B 106 -46.00 13.72 9.45
N ARG B 107 -46.05 12.90 8.41
CA ARG B 107 -46.78 13.23 7.18
C ARG B 107 -48.29 13.08 7.35
N ARG B 108 -48.71 12.09 8.13
CA ARG B 108 -50.12 11.85 8.44
C ARG B 108 -50.66 12.88 9.44
N LEU B 118 -53.55 4.27 11.72
CA LEU B 118 -53.87 2.88 11.41
C LEU B 118 -52.63 2.07 11.01
N SER B 119 -52.04 2.42 9.86
CA SER B 119 -50.90 1.69 9.30
C SER B 119 -49.57 1.97 10.00
N LEU B 120 -49.51 3.06 10.78
CA LEU B 120 -48.34 3.37 11.59
C LEU B 120 -48.03 2.24 12.61
N SER B 121 -49.04 1.41 12.89
CA SER B 121 -48.88 0.28 13.81
C SER B 121 -48.68 -1.06 13.08
N TYR B 122 -48.81 -1.06 11.76
CA TYR B 122 -48.63 -2.30 10.98
C TYR B 122 -47.19 -2.77 10.89
N LYS B 123 -46.98 -4.07 11.02
CA LYS B 123 -45.70 -4.70 10.78
C LYS B 123 -45.47 -4.88 9.27
N VAL B 124 -44.22 -5.07 8.87
CA VAL B 124 -43.87 -5.24 7.45
C VAL B 124 -43.15 -6.54 7.15
N HIS B 125 -43.38 -7.06 5.95
CA HIS B 125 -42.55 -8.13 5.40
C HIS B 125 -41.76 -7.55 4.23
N VAL B 126 -40.45 -7.78 4.24
CA VAL B 126 -39.57 -7.18 3.24
C VAL B 126 -38.74 -8.26 2.58
N ALA B 127 -38.78 -8.34 1.25
CA ALA B 127 -37.90 -9.25 0.55
C ALA B 127 -37.10 -8.50 -0.50
N SER B 128 -35.79 -8.79 -0.55
N SER B 128 -35.79 -8.78 -0.54
CA SER B 128 -34.88 -8.15 -1.50
CA SER B 128 -34.87 -8.13 -1.47
C SER B 128 -34.01 -9.15 -2.19
C SER B 128 -33.99 -9.15 -2.19
N VAL B 129 -33.69 -8.86 -3.45
CA VAL B 129 -32.70 -9.63 -4.22
C VAL B 129 -31.79 -8.65 -4.98
N ASN B 130 -30.59 -9.09 -5.32
CA ASN B 130 -29.75 -8.28 -6.20
C ASN B 130 -29.03 -9.18 -7.19
N ASN B 131 -28.44 -8.61 -8.24
CA ASN B 131 -27.67 -9.40 -9.19
C ASN B 131 -26.17 -9.08 -9.12
N PHE B 132 -25.68 -8.85 -7.90
CA PHE B 132 -24.30 -8.34 -7.70
C PHE B 132 -23.24 -9.45 -7.65
N PRO B 133 -21.94 -9.10 -7.83
CA PRO B 133 -20.85 -10.06 -7.63
C PRO B 133 -20.69 -10.45 -6.17
N ALA B 139 -20.87 -1.42 -2.13
CA ALA B 139 -21.84 -1.27 -3.19
C ALA B 139 -23.20 -1.93 -2.83
N SER B 140 -23.13 -3.13 -2.26
CA SER B 140 -24.31 -3.95 -1.99
C SER B 140 -25.21 -3.37 -0.92
N SER B 141 -24.62 -2.95 0.20
CA SER B 141 -25.36 -2.33 1.30
C SER B 141 -25.82 -0.93 0.95
N ALA B 142 -25.08 -0.25 0.08
CA ALA B 142 -25.50 1.06 -0.42
C ALA B 142 -26.81 0.94 -1.24
N ALA B 143 -26.82 0.07 -2.25
CA ALA B 143 -28.07 -0.15 -3.01
C ALA B 143 -29.15 -0.75 -2.14
N GLY B 144 -28.76 -1.61 -1.20
CA GLY B 144 -29.75 -2.35 -0.41
C GLY B 144 -30.55 -1.40 0.46
N TYR B 145 -29.83 -0.56 1.20
CA TYR B 145 -30.46 0.44 2.05
C TYR B 145 -31.09 1.61 1.31
N ALA B 146 -30.53 1.97 0.16
CA ALA B 146 -31.21 2.99 -0.67
C ALA B 146 -32.57 2.44 -1.12
N CYS B 147 -32.57 1.17 -1.53
CA CYS B 147 -33.81 0.53 -1.96
C CYS B 147 -34.80 0.33 -0.81
N LEU B 148 -34.31 -0.06 0.36
CA LEU B 148 -35.20 -0.26 1.48
C LEU B 148 -35.85 1.05 1.88
N ALA B 149 -35.05 2.10 2.00
CA ALA B 149 -35.56 3.40 2.43
C ALA B 149 -36.61 3.88 1.42
N TYR B 150 -36.28 3.74 0.14
CA TYR B 150 -37.13 4.26 -0.92
C TYR B 150 -38.46 3.51 -0.98
N THR B 151 -38.41 2.19 -0.84
CA THR B 151 -39.62 1.35 -0.90
C THR B 151 -40.49 1.53 0.35
N LEU B 152 -39.87 1.56 1.53
CA LEU B 152 -40.62 1.87 2.75
C LEU B 152 -41.30 3.24 2.62
N ALA B 153 -40.58 4.23 2.11
CA ALA B 153 -41.19 5.55 1.88
C ALA B 153 -42.42 5.49 0.97
N GLN B 154 -42.36 4.65 -0.08
CA GLN B 154 -43.52 4.45 -0.97
C GLN B 154 -44.73 3.90 -0.21
N VAL B 155 -44.51 2.81 0.52
CA VAL B 155 -45.58 2.18 1.29
C VAL B 155 -46.15 3.12 2.34
N TYR B 156 -45.28 3.80 3.08
CA TYR B 156 -45.72 4.70 4.15
C TYR B 156 -46.10 6.09 3.67
N GLY B 157 -45.97 6.36 2.37
CA GLY B 157 -46.31 7.68 1.81
C GLY B 157 -45.40 8.84 2.19
N VAL B 158 -44.12 8.58 2.41
CA VAL B 158 -43.20 9.60 2.90
C VAL B 158 -42.56 10.36 1.73
N GLU B 159 -42.76 11.67 1.71
CA GLU B 159 -42.24 12.51 0.61
C GLU B 159 -40.95 13.21 1.03
N GLY B 160 -40.21 13.75 0.07
CA GLY B 160 -38.98 14.49 0.39
C GLY B 160 -37.74 13.61 0.54
N ASP B 161 -36.64 14.25 0.95
CA ASP B 161 -35.34 13.62 0.97
C ASP B 161 -35.27 12.47 1.95
N LEU B 162 -34.76 11.34 1.49
CA LEU B 162 -34.66 10.17 2.34
C LEU B 162 -33.23 9.90 2.79
N SER B 163 -32.31 10.84 2.51
CA SER B 163 -30.89 10.62 2.85
C SER B 163 -30.67 10.07 4.26
N GLU B 164 -31.32 10.69 5.23
CA GLU B 164 -31.07 10.32 6.63
C GLU B 164 -31.55 8.88 6.94
N VAL B 165 -32.66 8.46 6.32
CA VAL B 165 -33.18 7.12 6.50
C VAL B 165 -32.19 6.08 5.96
N ALA B 166 -31.74 6.28 4.72
CA ALA B 166 -30.80 5.39 4.08
C ALA B 166 -29.42 5.39 4.80
N ARG B 167 -28.94 6.58 5.16
CA ARG B 167 -27.62 6.77 5.79
C ARG B 167 -27.48 5.99 7.08
N ARG B 168 -28.58 5.95 7.86
CA ARG B 168 -28.61 5.26 9.14
C ARG B 168 -28.49 3.74 8.95
N GLY B 169 -28.95 3.26 7.81
CA GLY B 169 -28.74 1.85 7.43
C GLY B 169 -27.31 1.62 6.96
N SER B 170 -26.83 2.46 6.05
CA SER B 170 -25.42 2.39 5.62
C SER B 170 -25.08 3.72 5.01
N GLY B 171 -23.95 4.29 5.40
CA GLY B 171 -23.61 5.68 5.06
C GLY B 171 -23.72 6.01 3.58
N SER B 172 -23.09 5.19 2.74
N SER B 172 -23.09 5.18 2.75
CA SER B 172 -23.09 5.44 1.29
CA SER B 172 -23.07 5.39 1.30
C SER B 172 -24.45 5.20 0.60
C SER B 172 -24.42 5.16 0.59
N ALA B 173 -25.38 4.56 1.30
CA ALA B 173 -26.73 4.31 0.75
C ALA B 173 -27.42 5.61 0.35
N CYS B 174 -27.13 6.71 1.06
CA CYS B 174 -27.81 7.96 0.68
C CYS B 174 -27.45 8.37 -0.75
N ARG B 175 -26.22 8.04 -1.19
CA ARG B 175 -25.79 8.39 -2.55
C ARG B 175 -26.47 7.63 -3.67
N SER B 176 -27.09 6.49 -3.34
CA SER B 176 -27.89 5.75 -4.29
C SER B 176 -29.34 6.24 -4.44
N LEU B 177 -29.71 7.31 -3.73
CA LEU B 177 -31.06 7.85 -3.82
C LEU B 177 -31.22 8.75 -5.04
N TYR B 178 -30.12 9.13 -5.68
CA TYR B 178 -30.16 10.10 -6.79
C TYR B 178 -29.43 9.52 -7.99
N GLY B 179 -29.91 9.86 -9.19
CA GLY B 179 -29.19 9.47 -10.39
C GLY B 179 -27.94 10.30 -10.65
N GLY B 180 -27.09 9.84 -11.55
CA GLY B 180 -26.00 10.66 -12.08
C GLY B 180 -24.78 10.74 -11.16
N PHE B 181 -24.43 11.95 -10.74
CA PHE B 181 -23.21 12.22 -9.96
C PHE B 181 -23.68 12.86 -8.65
N VAL B 182 -23.34 12.24 -7.53
CA VAL B 182 -24.01 12.53 -6.27
C VAL B 182 -22.97 12.69 -5.15
N GLU B 183 -23.13 13.76 -4.36
CA GLU B 183 -22.26 13.99 -3.21
C GLU B 183 -22.98 13.56 -1.95
N TRP B 184 -22.26 12.93 -1.03
CA TRP B 184 -22.74 12.86 0.35
C TRP B 184 -22.03 13.98 1.07
N GLN B 185 -22.78 15.02 1.44
CA GLN B 185 -22.24 16.17 2.15
C GLN B 185 -22.04 15.72 3.61
N MET B 186 -20.82 15.89 4.14
CA MET B 186 -20.54 15.36 5.48
C MET B 186 -21.41 16.03 6.54
N GLY B 187 -21.73 17.31 6.35
CA GLY B 187 -22.62 18.04 7.23
C GLY B 187 -21.81 18.72 8.33
N GLU B 188 -22.36 19.81 8.86
CA GLU B 188 -21.75 20.59 9.94
C GLU B 188 -22.49 20.43 11.27
N GLN B 189 -23.68 19.84 11.24
CA GLN B 189 -24.53 19.77 12.43
C GLN B 189 -24.32 18.47 13.20
N ALA B 190 -24.18 18.57 14.53
CA ALA B 190 -24.07 17.38 15.38
C ALA B 190 -25.31 16.49 15.35
N ASP B 191 -26.48 17.05 15.04
CA ASP B 191 -27.69 16.24 14.89
C ASP B 191 -27.74 15.48 13.56
N GLY B 192 -26.71 15.66 12.73
CA GLY B 192 -26.62 14.94 11.46
C GLY B 192 -27.65 15.26 10.40
N LYS B 193 -28.53 16.23 10.65
CA LYS B 193 -29.66 16.46 9.73
C LYS B 193 -29.25 17.07 8.39
N ASP B 194 -28.04 17.65 8.33
CA ASP B 194 -27.47 18.18 7.10
C ASP B 194 -26.40 17.26 6.48
N SER B 195 -26.26 16.05 7.02
CA SER B 195 -25.40 15.04 6.42
C SER B 195 -26.23 14.24 5.43
N ILE B 196 -26.30 14.73 4.20
CA ILE B 196 -27.27 14.22 3.23
C ILE B 196 -26.66 14.15 1.84
N ALA B 197 -27.36 13.46 0.93
CA ALA B 197 -26.89 13.36 -0.44
C ALA B 197 -27.50 14.48 -1.27
N ARG B 198 -26.73 14.98 -2.23
CA ARG B 198 -27.24 15.96 -3.18
C ARG B 198 -26.68 15.60 -4.55
N GLN B 199 -27.53 15.68 -5.58
CA GLN B 199 -27.07 15.45 -6.92
C GLN B 199 -26.23 16.61 -7.40
N ILE B 200 -25.05 16.30 -7.93
CA ILE B 200 -24.14 17.30 -8.53
C ILE B 200 -24.49 17.53 -10.00
N ALA B 201 -24.80 16.44 -10.69
CA ALA B 201 -25.20 16.50 -12.10
C ALA B 201 -26.03 15.27 -12.43
N PRO B 202 -26.99 15.40 -13.36
CA PRO B 202 -27.86 14.27 -13.62
C PRO B 202 -27.22 13.23 -14.54
N GLU B 203 -27.89 12.11 -14.69
CA GLU B 203 -27.32 10.97 -15.40
C GLU B 203 -27.15 11.20 -16.90
N TRP B 204 -27.84 12.20 -17.46
CA TRP B 204 -27.68 12.58 -18.87
C TRP B 204 -26.54 13.59 -19.07
N HIS B 205 -25.88 13.97 -17.98
CA HIS B 205 -24.87 15.01 -18.06
C HIS B 205 -23.62 14.64 -18.86
N TRP B 206 -23.20 13.38 -18.76
CA TRP B 206 -21.95 12.94 -19.38
C TRP B 206 -22.24 11.62 -20.09
N PRO B 207 -23.00 11.66 -21.20
CA PRO B 207 -23.52 10.42 -21.79
C PRO B 207 -22.44 9.46 -22.31
N GLN B 208 -21.24 9.98 -22.59
CA GLN B 208 -20.11 9.17 -23.12
C GLN B 208 -19.41 8.34 -22.05
N LEU B 209 -19.68 8.64 -20.78
CA LEU B 209 -18.93 7.95 -19.72
C LEU B 209 -19.36 6.49 -19.57
N ARG B 210 -18.39 5.58 -19.50
CA ARG B 210 -18.70 4.15 -19.24
C ARG B 210 -17.96 3.64 -18.04
N ILE B 211 -18.48 2.56 -17.45
CA ILE B 211 -17.90 2.01 -16.25
C ILE B 211 -17.78 0.52 -16.46
N LEU B 212 -16.61 -0.04 -16.17
CA LEU B 212 -16.39 -1.49 -16.31
C LEU B 212 -15.99 -2.03 -14.96
N ILE B 213 -16.70 -3.05 -14.47
CA ILE B 213 -16.31 -3.65 -13.20
C ILE B 213 -15.55 -4.91 -13.57
N LEU B 214 -14.30 -5.00 -13.14
CA LEU B 214 -13.49 -6.19 -13.38
C LEU B 214 -13.52 -7.09 -12.15
N VAL B 215 -14.23 -8.22 -12.24
CA VAL B 215 -14.44 -9.07 -11.08
C VAL B 215 -13.29 -10.04 -11.06
N VAL B 216 -12.45 -9.91 -10.03
CA VAL B 216 -11.20 -10.67 -9.99
C VAL B 216 -11.45 -12.03 -9.37
N SER B 217 -10.55 -12.99 -9.67
CA SER B 217 -10.77 -14.36 -9.22
C SER B 217 -10.85 -14.39 -7.70
N ALA B 218 -11.62 -15.34 -7.18
CA ALA B 218 -11.96 -15.36 -5.76
C ALA B 218 -10.69 -15.24 -4.87
N ASP B 219 -10.80 -14.48 -3.79
CA ASP B 219 -9.69 -14.34 -2.85
C ASP B 219 -10.28 -14.26 -1.44
N LYS B 220 -9.46 -14.56 -0.42
CA LYS B 220 -9.92 -14.47 0.97
C LYS B 220 -10.30 -13.02 1.33
N LYS B 221 -11.42 -12.88 2.03
CA LYS B 221 -11.95 -11.57 2.40
C LYS B 221 -11.17 -10.90 3.52
N GLN B 222 -10.80 -9.64 3.31
CA GLN B 222 -10.07 -8.85 4.29
C GLN B 222 -11.08 -8.21 5.24
N THR B 223 -10.59 -7.52 6.28
CA THR B 223 -11.47 -6.90 7.27
C THR B 223 -12.74 -6.28 6.64
N GLY B 224 -13.90 -6.44 7.30
CA GLY B 224 -15.10 -5.72 6.90
C GLY B 224 -14.89 -4.21 6.96
N SER B 225 -15.62 -3.48 6.12
CA SER B 225 -15.36 -2.05 5.99
C SER B 225 -15.85 -1.18 7.16
N THR B 226 -16.95 -1.56 7.81
CA THR B 226 -17.47 -0.78 8.93
C THR B 226 -16.45 -0.85 10.09
N VAL B 227 -16.07 -2.05 10.50
CA VAL B 227 -15.11 -2.23 11.60
C VAL B 227 -13.76 -1.69 11.11
N GLY B 228 -13.41 -2.00 9.85
CA GLY B 228 -12.12 -1.62 9.30
C GLY B 228 -11.92 -0.10 9.33
N MET B 229 -12.90 0.67 8.87
CA MET B 229 -12.68 2.13 8.78
C MET B 229 -12.59 2.76 10.17
N GLN B 230 -13.29 2.16 11.13
CA GLN B 230 -13.19 2.62 12.52
C GLN B 230 -11.80 2.38 13.09
N THR B 231 -11.18 1.25 12.74
N THR B 231 -11.16 1.26 12.77
CA THR B 231 -9.79 1.03 13.15
CA THR B 231 -9.75 1.10 13.22
C THR B 231 -8.86 2.11 12.55
C THR B 231 -8.84 2.16 12.56
N SER B 232 -9.12 2.50 11.32
CA SER B 232 -8.40 3.57 10.63
C SER B 232 -8.57 4.91 11.35
N VAL B 233 -9.79 5.24 11.74
CA VAL B 233 -10.01 6.48 12.53
C VAL B 233 -9.20 6.46 13.84
N GLU B 234 -9.11 5.30 14.48
CA GLU B 234 -8.43 5.12 15.76
C GLU B 234 -6.90 5.13 15.64
N THR B 235 -6.36 4.74 14.49
CA THR B 235 -4.93 4.47 14.45
C THR B 235 -4.16 5.11 13.30
N SER B 236 -4.84 5.62 12.27
CA SER B 236 -4.14 6.24 11.13
C SER B 236 -4.00 7.76 11.26
N THR B 237 -2.77 8.24 11.40
CA THR B 237 -2.53 9.70 11.29
C THR B 237 -2.71 10.25 9.87
N LEU B 238 -2.41 9.43 8.87
CA LEU B 238 -2.58 9.85 7.47
C LEU B 238 -4.04 10.10 7.14
N LEU B 239 -4.90 9.28 7.73
CA LEU B 239 -6.34 9.48 7.56
C LEU B 239 -6.86 10.85 8.05
N LYS B 240 -6.43 11.28 9.23
CA LYS B 240 -6.82 12.61 9.71
C LYS B 240 -6.35 13.71 8.78
N PHE B 241 -5.08 13.65 8.36
CA PHE B 241 -4.58 14.64 7.37
C PHE B 241 -5.43 14.59 6.08
N ARG B 242 -5.70 13.38 5.59
CA ARG B 242 -6.52 13.25 4.38
C ARG B 242 -7.87 13.98 4.56
N ALA B 243 -8.56 13.71 5.67
CA ALA B 243 -9.95 14.21 5.83
C ALA B 243 -9.96 15.74 5.99
N GLU B 244 -8.96 16.25 6.71
CA GLU B 244 -8.93 17.65 7.02
C GLU B 244 -8.30 18.52 5.93
N SER B 245 -7.30 17.97 5.23
CA SER B 245 -6.42 18.78 4.40
C SER B 245 -6.37 18.40 2.92
N VAL B 246 -6.95 17.25 2.57
CA VAL B 246 -6.95 16.82 1.17
C VAL B 246 -8.36 16.80 0.56
N VAL B 247 -9.29 16.12 1.24
CA VAL B 247 -10.59 15.84 0.62
C VAL B 247 -11.45 17.10 0.32
N PRO B 248 -11.50 18.11 1.23
CA PRO B 248 -12.34 19.27 0.87
C PRO B 248 -11.96 19.88 -0.48
N GLU B 249 -10.67 20.07 -0.70
CA GLU B 249 -10.18 20.58 -2.01
C GLU B 249 -10.46 19.60 -3.15
N ARG B 250 -10.23 18.29 -2.94
CA ARG B 250 -10.52 17.31 -4.02
C ARG B 250 -12.01 17.27 -4.37
N MET B 251 -12.89 17.48 -3.39
CA MET B 251 -14.34 17.51 -3.68
C MET B 251 -14.63 18.62 -4.70
N LYS B 252 -14.00 19.77 -4.51
CA LYS B 252 -14.22 20.90 -5.40
C LYS B 252 -13.63 20.65 -6.78
N GLU B 253 -12.41 20.11 -6.82
CA GLU B 253 -11.76 19.79 -8.10
C GLU B 253 -12.55 18.74 -8.88
N MET B 254 -13.02 17.70 -8.17
CA MET B 254 -13.80 16.65 -8.79
C MET B 254 -15.12 17.17 -9.36
N THR B 255 -15.82 17.96 -8.55
CA THR B 255 -17.04 18.61 -8.96
C THR B 255 -16.83 19.39 -10.27
N ARG B 256 -15.77 20.19 -10.33
N ARG B 256 -15.77 20.21 -10.33
CA ARG B 256 -15.46 20.95 -11.53
CA ARG B 256 -15.49 20.95 -11.57
C ARG B 256 -15.21 20.07 -12.77
C ARG B 256 -15.24 20.04 -12.78
N CYS B 257 -14.44 19.00 -12.60
CA CYS B 257 -14.13 18.08 -13.71
C CYS B 257 -15.39 17.40 -14.24
N ILE B 258 -16.27 17.00 -13.32
CA ILE B 258 -17.58 16.44 -13.70
C ILE B 258 -18.44 17.47 -14.48
N GLN B 259 -18.55 18.68 -13.92
N GLN B 259 -18.62 18.68 -13.95
CA GLN B 259 -19.31 19.80 -14.52
CA GLN B 259 -19.42 19.66 -14.66
C GLN B 259 -18.84 20.12 -15.94
C GLN B 259 -18.85 19.88 -16.06
N GLU B 260 -17.54 19.99 -16.16
CA GLU B 260 -16.90 20.26 -17.45
C GLU B 260 -16.72 19.04 -18.38
N GLN B 261 -17.13 17.87 -17.93
CA GLN B 261 -16.90 16.63 -18.68
C GLN B 261 -15.41 16.54 -19.05
N ASP B 262 -14.55 16.84 -18.07
CA ASP B 262 -13.11 16.82 -18.26
C ASP B 262 -12.63 15.41 -17.90
N PHE B 263 -12.56 14.55 -18.91
CA PHE B 263 -12.20 13.16 -18.58
C PHE B 263 -10.79 12.99 -17.95
N GLN B 264 -9.76 13.58 -18.55
CA GLN B 264 -8.41 13.47 -18.01
C GLN B 264 -8.33 13.94 -16.53
N GLY B 265 -8.97 15.06 -16.22
CA GLY B 265 -8.98 15.57 -14.82
C GLY B 265 -9.71 14.64 -13.85
N PHE B 266 -10.93 14.26 -14.24
CA PHE B 266 -11.74 13.33 -13.53
C PHE B 266 -11.00 12.02 -13.28
N ALA B 267 -10.37 11.50 -14.33
CA ALA B 267 -9.65 10.23 -14.30
C ALA B 267 -8.45 10.24 -13.33
N GLN B 268 -7.61 11.27 -13.44
CA GLN B 268 -6.43 11.39 -12.56
C GLN B 268 -6.83 11.50 -11.08
N LEU B 269 -7.82 12.35 -10.79
N LEU B 269 -7.84 12.33 -10.82
CA LEU B 269 -8.31 12.52 -9.43
CA LEU B 269 -8.35 12.55 -9.46
C LEU B 269 -8.91 11.21 -8.89
C LEU B 269 -9.03 11.30 -8.87
N THR B 270 -9.69 10.54 -9.72
CA THR B 270 -10.30 9.25 -9.34
C THR B 270 -9.21 8.25 -8.93
N MET B 271 -8.21 8.09 -9.77
CA MET B 271 -7.13 7.17 -9.43
C MET B 271 -6.42 7.64 -8.17
N LYS B 272 -6.12 8.93 -8.08
CA LYS B 272 -5.39 9.45 -6.91
C LYS B 272 -6.16 9.23 -5.62
N ASP B 273 -7.48 9.43 -5.65
CA ASP B 273 -8.25 9.32 -4.43
C ASP B 273 -8.45 7.88 -4.02
N SER B 274 -8.56 6.99 -5.01
CA SER B 274 -8.62 5.56 -4.72
C SER B 274 -7.30 5.11 -4.03
N ASN B 275 -6.15 5.49 -4.60
CA ASN B 275 -4.87 5.11 -4.03
C ASN B 275 -4.69 5.70 -2.63
N GLN B 276 -5.20 6.90 -2.41
CA GLN B 276 -5.05 7.53 -1.10
C GLN B 276 -5.88 6.82 -0.05
N PHE B 277 -7.12 6.47 -0.43
CA PHE B 277 -8.00 5.71 0.43
C PHE B 277 -7.28 4.41 0.87
N HIS B 278 -6.76 3.66 -0.10
CA HIS B 278 -6.08 2.40 0.22
C HIS B 278 -4.75 2.63 0.96
N ALA B 279 -4.11 3.76 0.70
CA ALA B 279 -2.94 4.16 1.52
C ALA B 279 -3.31 4.31 3.00
N THR B 280 -4.42 4.96 3.30
CA THR B 280 -4.82 5.12 4.73
C THR B 280 -5.17 3.76 5.39
N CYS B 281 -5.68 2.84 4.58
CA CYS B 281 -5.85 1.45 5.02
C CYS B 281 -4.49 0.80 5.35
N LEU B 282 -3.49 1.01 4.48
CA LEU B 282 -2.16 0.45 4.73
C LEU B 282 -1.53 1.04 6.00
N ASP B 283 -1.86 2.30 6.29
CA ASP B 283 -1.37 3.06 7.46
C ASP B 283 -2.10 2.75 8.76
N THR B 284 -3.19 1.99 8.67
CA THR B 284 -3.97 1.51 9.83
C THR B 284 -3.20 0.49 10.65
N PHE B 285 -3.50 0.38 11.95
CA PHE B 285 -2.81 -0.62 12.79
C PHE B 285 -3.82 -1.46 13.54
N PRO B 286 -3.85 -2.77 13.26
CA PRO B 286 -3.06 -3.45 12.20
C PRO B 286 -3.53 -3.03 10.78
N PRO B 287 -2.68 -3.19 9.75
CA PRO B 287 -2.99 -2.63 8.44
C PRO B 287 -4.10 -3.41 7.72
N ILE B 288 -4.81 -2.72 6.85
CA ILE B 288 -5.87 -3.36 6.07
C ILE B 288 -5.45 -3.25 4.63
N SER B 289 -5.42 -4.38 3.91
CA SER B 289 -4.96 -4.37 2.52
C SER B 289 -5.95 -5.04 1.57
N TYR B 290 -6.77 -4.22 0.92
CA TYR B 290 -7.87 -4.74 0.09
C TYR B 290 -7.41 -5.13 -1.32
N LEU B 291 -6.37 -4.46 -1.81
CA LEU B 291 -5.88 -4.75 -3.16
C LEU B 291 -5.00 -6.00 -3.13
N ASN B 292 -5.14 -6.86 -4.12
CA ASN B 292 -4.26 -8.03 -4.22
C ASN B 292 -3.35 -7.93 -5.44
N ASP B 293 -2.58 -8.98 -5.75
CA ASP B 293 -1.60 -8.95 -6.85
C ASP B 293 -2.32 -8.70 -8.20
N THR B 294 -3.51 -9.26 -8.36
CA THR B 294 -4.36 -8.98 -9.54
C THR B 294 -4.76 -7.50 -9.60
N SER B 295 -5.27 -6.96 -8.51
CA SER B 295 -5.59 -5.50 -8.46
C SER B 295 -4.38 -4.71 -8.94
N ARG B 296 -3.20 -5.06 -8.41
N ARG B 296 -3.20 -5.03 -8.43
CA ARG B 296 -1.93 -4.40 -8.72
CA ARG B 296 -2.01 -4.24 -8.78
C ARG B 296 -1.64 -4.46 -10.22
C ARG B 296 -1.58 -4.46 -10.24
N ARG B 297 -1.89 -5.63 -10.81
CA ARG B 297 -1.65 -5.85 -12.23
C ARG B 297 -2.64 -5.07 -13.11
N ILE B 298 -3.87 -4.91 -12.63
CA ILE B 298 -4.88 -4.09 -13.32
C ILE B 298 -4.46 -2.64 -13.28
N ILE B 299 -3.95 -2.19 -12.13
CA ILE B 299 -3.44 -0.82 -12.01
C ILE B 299 -2.31 -0.56 -13.02
N GLN B 300 -1.44 -1.55 -13.16
CA GLN B 300 -0.31 -1.42 -14.05
C GLN B 300 -0.79 -1.43 -15.51
N LEU B 301 -1.78 -2.27 -15.82
CA LEU B 301 -2.40 -2.27 -17.15
C LEU B 301 -2.97 -0.88 -17.53
N VAL B 302 -3.67 -0.25 -16.60
CA VAL B 302 -4.22 1.08 -16.84
C VAL B 302 -3.15 2.13 -17.15
N HIS B 303 -2.10 2.19 -16.34
CA HIS B 303 -1.05 3.17 -16.58
C HIS B 303 -0.30 2.89 -17.90
N ARG B 304 -0.07 1.61 -18.21
CA ARG B 304 0.64 1.28 -19.46
C ARG B 304 -0.21 1.61 -20.68
N PHE B 305 -1.52 1.30 -20.58
CA PHE B 305 -2.50 1.62 -21.65
C PHE B 305 -2.49 3.14 -21.90
N ASN B 306 -2.59 3.92 -20.82
CA ASN B 306 -2.60 5.37 -20.94
C ASN B 306 -1.29 5.89 -21.54
N THR B 307 -0.16 5.40 -21.02
CA THR B 307 1.15 5.79 -21.56
C THR B 307 1.24 5.49 -23.07
N HIS B 308 0.78 4.32 -23.47
CA HIS B 308 0.85 3.96 -24.87
C HIS B 308 0.07 4.97 -25.72
N HIS B 309 -1.06 5.44 -25.21
CA HIS B 309 -1.91 6.40 -25.93
C HIS B 309 -1.47 7.86 -25.80
N GLY B 310 -0.55 8.13 -24.90
CA GLY B 310 -0.08 9.51 -24.69
C GLY B 310 -1.07 10.42 -23.97
N GLN B 311 -2.11 9.82 -23.39
CA GLN B 311 -3.11 10.58 -22.65
C GLN B 311 -3.88 9.65 -21.70
N THR B 312 -4.58 10.26 -20.76
CA THR B 312 -5.33 9.49 -19.78
C THR B 312 -6.64 9.10 -20.45
N LYS B 313 -6.73 7.83 -20.87
CA LYS B 313 -7.89 7.26 -21.53
C LYS B 313 -8.77 6.46 -20.58
N VAL B 314 -8.15 5.95 -19.52
CA VAL B 314 -8.80 4.99 -18.61
C VAL B 314 -8.39 5.34 -17.16
N ALA B 315 -9.34 5.21 -16.23
CA ALA B 315 -9.05 5.35 -14.79
C ALA B 315 -9.53 4.10 -14.06
N TYR B 316 -8.86 3.79 -12.95
CA TYR B 316 -9.35 2.75 -12.03
C TYR B 316 -9.79 3.39 -10.71
N THR B 317 -10.61 2.65 -9.96
CA THR B 317 -10.84 2.98 -8.55
C THR B 317 -11.27 1.70 -7.87
N PHE B 318 -10.92 1.57 -6.59
CA PHE B 318 -11.17 0.32 -5.85
C PHE B 318 -11.92 0.67 -4.60
N ASP B 319 -12.91 -0.15 -4.26
CA ASP B 319 -13.56 -0.05 -2.96
C ASP B 319 -12.89 -1.00 -1.95
N ALA B 320 -13.64 -1.52 -0.98
CA ALA B 320 -13.03 -2.31 0.08
C ALA B 320 -12.92 -3.76 -0.36
N GLY B 321 -12.19 -3.98 -1.45
CA GLY B 321 -11.95 -5.32 -1.98
C GLY B 321 -11.09 -5.20 -3.23
N PRO B 322 -10.69 -6.35 -3.81
CA PRO B 322 -9.74 -6.32 -4.92
C PRO B 322 -10.32 -6.02 -6.32
N ASN B 323 -11.66 -6.09 -6.49
CA ASN B 323 -12.29 -5.80 -7.82
C ASN B 323 -11.98 -4.38 -8.27
N ALA B 324 -11.58 -4.22 -9.55
CA ALA B 324 -11.32 -2.92 -10.13
C ALA B 324 -12.59 -2.35 -10.76
N VAL B 325 -12.85 -1.07 -10.51
CA VAL B 325 -13.89 -0.35 -11.24
C VAL B 325 -13.17 0.58 -12.19
N ILE B 326 -13.45 0.44 -13.48
CA ILE B 326 -12.73 1.19 -14.50
C ILE B 326 -13.68 2.25 -15.04
N PHE B 327 -13.19 3.49 -15.19
CA PHE B 327 -13.98 4.49 -15.93
C PHE B 327 -13.26 4.81 -17.24
N THR B 328 -14.03 4.92 -18.33
CA THR B 328 -13.44 5.26 -19.61
C THR B 328 -14.57 5.85 -20.47
N LEU B 329 -14.25 6.40 -21.62
CA LEU B 329 -15.30 6.90 -22.52
C LEU B 329 -15.76 5.78 -23.47
N GLU B 330 -16.99 5.90 -23.96
CA GLU B 330 -17.60 4.92 -24.89
C GLU B 330 -16.66 4.52 -26.02
N ASP B 331 -15.95 5.48 -26.58
CA ASP B 331 -15.08 5.17 -27.71
C ASP B 331 -13.82 4.35 -27.37
N THR B 332 -13.57 4.10 -26.09
CA THR B 332 -12.35 3.41 -25.65
C THR B 332 -12.66 2.04 -25.06
N VAL B 333 -13.93 1.80 -24.79
CA VAL B 333 -14.35 0.54 -24.15
C VAL B 333 -13.87 -0.73 -24.85
N ALA B 334 -14.12 -0.83 -26.16
CA ALA B 334 -13.75 -2.02 -26.94
C ALA B 334 -12.26 -2.31 -26.81
N GLU B 335 -11.44 -1.30 -27.07
CA GLU B 335 -10.00 -1.47 -26.99
C GLU B 335 -9.58 -1.91 -25.58
N PHE B 336 -10.18 -1.31 -24.56
CA PHE B 336 -9.69 -1.59 -23.23
C PHE B 336 -10.08 -3.00 -22.80
N VAL B 337 -11.29 -3.42 -23.19
CA VAL B 337 -11.75 -4.79 -22.95
C VAL B 337 -10.81 -5.81 -23.61
N ALA B 338 -10.40 -5.52 -24.84
CA ALA B 338 -9.37 -6.34 -25.52
C ALA B 338 -8.04 -6.37 -24.75
N ALA B 339 -7.64 -5.23 -24.20
CA ALA B 339 -6.42 -5.20 -23.38
C ALA B 339 -6.56 -6.05 -22.12
N VAL B 340 -7.73 -5.98 -21.47
CA VAL B 340 -7.95 -6.80 -20.27
C VAL B 340 -7.86 -8.28 -20.66
N ARG B 341 -8.54 -8.65 -21.74
CA ARG B 341 -8.49 -10.03 -22.26
C ARG B 341 -7.06 -10.52 -22.52
N HIS B 342 -6.26 -9.66 -23.14
CA HIS B 342 -4.88 -9.94 -23.46
C HIS B 342 -4.01 -10.16 -22.20
N SER B 343 -4.12 -9.24 -21.24
CA SER B 343 -3.33 -9.28 -20.01
C SER B 343 -3.81 -10.34 -19.03
N PHE B 344 -5.09 -10.66 -19.11
CA PHE B 344 -5.70 -11.64 -18.21
C PHE B 344 -6.55 -12.62 -19.03
N PRO B 345 -5.87 -13.55 -19.73
CA PRO B 345 -6.59 -14.47 -20.61
C PRO B 345 -7.72 -15.20 -19.86
N PRO B 346 -8.97 -15.08 -20.36
CA PRO B 346 -10.10 -15.64 -19.63
C PRO B 346 -10.01 -17.15 -19.55
N ALA B 347 -10.49 -17.73 -18.46
CA ALA B 347 -10.57 -19.17 -18.37
C ALA B 347 -11.63 -19.64 -19.36
N ALA B 348 -11.49 -20.86 -19.86
CA ALA B 348 -12.38 -21.36 -20.89
C ALA B 348 -13.72 -21.83 -20.30
N ASN B 349 -14.77 -21.04 -20.54
CA ASN B 349 -16.17 -21.35 -20.18
C ASN B 349 -17.03 -20.08 -20.11
N LYS B 352 -19.28 -16.28 -21.17
CA LYS B 352 -19.22 -14.92 -21.72
C LYS B 352 -18.45 -13.98 -20.79
N PHE B 353 -17.33 -13.48 -21.28
CA PHE B 353 -16.43 -12.65 -20.49
C PHE B 353 -16.97 -11.23 -20.25
N LEU B 354 -17.71 -10.68 -21.22
CA LEU B 354 -18.27 -9.33 -21.11
C LEU B 354 -19.75 -9.43 -20.82
N LYS B 355 -20.13 -8.99 -19.62
CA LYS B 355 -21.53 -8.92 -19.23
C LYS B 355 -22.00 -7.46 -19.25
N GLY B 356 -23.33 -7.25 -19.25
CA GLY B 356 -23.87 -5.90 -19.33
C GLY B 356 -23.84 -5.36 -20.76
N LEU B 357 -23.46 -4.09 -20.89
CA LEU B 357 -23.47 -3.42 -22.17
C LEU B 357 -22.51 -4.14 -23.09
N GLN B 358 -22.93 -4.30 -24.33
CA GLN B 358 -22.15 -5.10 -25.24
C GLN B 358 -21.42 -4.17 -26.20
N VAL B 359 -20.15 -4.44 -26.42
CA VAL B 359 -19.43 -3.77 -27.49
C VAL B 359 -18.73 -4.83 -28.35
N ALA B 360 -18.78 -4.64 -29.66
CA ALA B 360 -18.15 -5.57 -30.60
C ALA B 360 -16.66 -5.65 -30.30
N PRO B 361 -16.08 -6.87 -30.36
CA PRO B 361 -14.68 -7.00 -29.98
C PRO B 361 -13.73 -6.40 -31.01
N VAL B 362 -12.58 -5.91 -30.56
CA VAL B 362 -11.55 -5.45 -31.48
C VAL B 362 -10.24 -6.18 -31.18
N LEU B 363 -9.29 -6.10 -32.11
CA LEU B 363 -7.96 -6.64 -31.86
C LEU B 363 -6.99 -5.54 -31.46
N LEU B 364 -6.11 -5.85 -30.52
CA LEU B 364 -5.08 -4.90 -30.12
C LEU B 364 -3.99 -4.81 -31.17
N SER B 365 -3.46 -3.61 -31.40
CA SER B 365 -2.25 -3.40 -32.22
C SER B 365 -1.05 -4.15 -31.63
N ASP B 366 -0.12 -4.55 -32.50
CA ASP B 366 1.12 -5.20 -32.08
C ASP B 366 1.91 -4.32 -31.11
N GLU B 367 1.86 -3.02 -31.34
CA GLU B 367 2.57 -2.05 -30.52
C GLU B 367 2.03 -2.08 -29.08
N LEU B 368 0.71 -2.11 -28.94
CA LEU B 368 0.08 -2.12 -27.61
C LEU B 368 0.31 -3.43 -26.88
N LYS B 369 0.10 -4.54 -27.58
CA LYS B 369 0.41 -5.86 -27.02
C LYS B 369 1.80 -5.89 -26.41
N ALA B 370 2.80 -5.49 -27.20
CA ALA B 370 4.18 -5.45 -26.75
C ALA B 370 4.39 -4.58 -25.51
N ALA B 371 3.60 -3.51 -25.41
CA ALA B 371 3.68 -2.57 -24.32
C ALA B 371 3.01 -3.08 -23.05
N LEU B 372 2.15 -4.09 -23.20
CA LEU B 372 1.49 -4.69 -22.06
C LEU B 372 2.25 -5.90 -21.52
N VAL B 373 1.63 -6.61 -20.57
CA VAL B 373 2.18 -7.82 -20.00
C VAL B 373 1.89 -9.01 -20.92
N PRO B 376 1.43 -12.84 -18.94
CA PRO B 376 0.14 -12.39 -18.44
C PRO B 376 -0.49 -13.39 -17.45
N SER B 377 -1.64 -13.02 -16.88
CA SER B 377 -2.32 -13.77 -15.80
C SER B 377 -3.66 -14.48 -16.19
N PRO B 378 -3.61 -15.79 -16.53
CA PRO B 378 -4.77 -16.62 -16.96
C PRO B 378 -5.89 -16.80 -15.93
N GLY B 379 -7.06 -16.24 -16.21
CA GLY B 379 -8.20 -16.29 -15.28
C GLY B 379 -8.17 -15.28 -14.14
N GLY B 380 -7.16 -14.40 -14.12
CA GLY B 380 -7.08 -13.31 -13.12
C GLY B 380 -8.39 -12.52 -13.01
N VAL B 381 -9.01 -12.27 -14.16
CA VAL B 381 -10.29 -11.57 -14.21
C VAL B 381 -11.37 -12.56 -14.58
N GLN B 382 -12.35 -12.73 -13.70
CA GLN B 382 -13.41 -13.71 -13.95
C GLN B 382 -14.34 -13.27 -15.08
N TYR B 383 -14.70 -12.00 -15.07
CA TYR B 383 -15.56 -11.40 -16.10
C TYR B 383 -15.59 -9.90 -15.89
N ILE B 384 -16.16 -9.19 -16.86
CA ILE B 384 -16.29 -7.74 -16.80
C ILE B 384 -17.77 -7.41 -16.87
N ILE B 385 -18.23 -6.51 -16.01
CA ILE B 385 -19.61 -5.98 -16.17
C ILE B 385 -19.48 -4.58 -16.74
N ALA B 386 -20.06 -4.34 -17.92
CA ALA B 386 -20.03 -2.99 -18.48
C ALA B 386 -21.37 -2.29 -18.25
N THR B 387 -21.29 -1.04 -17.84
CA THR B 387 -22.48 -0.24 -17.57
C THR B 387 -22.20 1.27 -17.84
N GLN B 388 -23.14 2.12 -17.44
CA GLN B 388 -23.04 3.54 -17.73
C GLN B 388 -23.73 4.27 -16.58
N VAL B 389 -23.75 5.59 -16.65
CA VAL B 389 -24.35 6.38 -15.56
C VAL B 389 -25.86 6.21 -15.67
N GLY B 390 -26.52 6.05 -14.53
CA GLY B 390 -27.97 5.83 -14.52
C GLY B 390 -28.78 6.63 -13.50
N PRO B 391 -30.11 6.44 -13.52
CA PRO B 391 -31.07 7.21 -12.71
C PRO B 391 -31.13 6.69 -11.28
N GLY B 392 -31.85 7.41 -10.43
CA GLY B 392 -32.08 6.99 -9.02
C GLY B 392 -33.12 5.85 -8.99
N PRO B 393 -33.55 5.46 -7.79
CA PRO B 393 -34.52 4.38 -7.59
C PRO B 393 -35.84 4.57 -8.34
N GLN B 394 -36.49 3.46 -8.60
CA GLN B 394 -37.66 3.42 -9.49
C GLN B 394 -38.73 2.54 -8.87
N VAL B 395 -39.99 2.97 -8.94
CA VAL B 395 -41.12 2.09 -8.57
C VAL B 395 -41.43 1.20 -9.79
N LEU B 396 -41.56 -0.11 -9.60
CA LEU B 396 -41.92 -0.97 -10.71
C LEU B 396 -43.43 -1.01 -10.91
N ASP B 397 -43.86 -1.14 -12.17
CA ASP B 397 -45.28 -1.32 -12.50
C ASP B 397 -45.69 -2.78 -12.25
N ASP B 398 -46.95 -3.10 -12.53
CA ASP B 398 -47.48 -4.44 -12.23
C ASP B 398 -47.13 -5.46 -13.32
N THR B 399 -46.30 -5.05 -14.26
CA THR B 399 -45.72 -5.95 -15.26
C THR B 399 -44.74 -6.91 -14.59
N HIS B 400 -44.11 -6.41 -13.54
CA HIS B 400 -43.12 -7.14 -12.78
C HIS B 400 -43.82 -7.83 -11.60
N ASP B 401 -43.37 -9.03 -11.26
CA ASP B 401 -43.95 -9.70 -10.09
C ASP B 401 -43.27 -9.18 -8.83
N HIS B 402 -44.02 -9.10 -7.75
CA HIS B 402 -43.43 -8.79 -6.47
C HIS B 402 -42.60 -9.98 -6.00
N LEU B 403 -41.64 -9.69 -5.13
CA LEU B 403 -40.80 -10.74 -4.58
C LEU B 403 -41.49 -11.48 -3.43
N LEU B 404 -42.67 -11.01 -3.05
CA LEU B 404 -43.53 -11.73 -2.09
C LEU B 404 -44.79 -12.17 -2.84
N GLY B 405 -45.32 -13.34 -2.47
CA GLY B 405 -46.58 -13.82 -3.05
C GLY B 405 -47.76 -13.23 -2.29
N GLN B 406 -48.95 -13.78 -2.55
CA GLN B 406 -50.20 -13.29 -1.93
C GLN B 406 -50.21 -13.41 -0.40
N ASP B 407 -49.52 -14.43 0.13
CA ASP B 407 -49.42 -14.62 1.59
C ASP B 407 -48.42 -13.66 2.28
N GLY B 408 -47.63 -12.93 1.50
CA GLY B 408 -46.68 -12.00 2.10
C GLY B 408 -45.37 -12.68 2.42
N LEU B 409 -45.17 -13.83 1.78
CA LEU B 409 -43.95 -14.61 1.91
C LEU B 409 -43.29 -14.72 0.56
N PRO B 410 -41.95 -14.90 0.53
CA PRO B 410 -41.22 -15.13 -0.71
C PRO B 410 -41.83 -16.28 -1.50
N GLN B 411 -41.89 -16.13 -2.82
CA GLN B 411 -42.59 -17.11 -3.68
C GLN B 411 -41.67 -18.22 -4.18
P PO4 C . 19.40 6.73 -2.96
O1 PO4 C . 19.60 7.65 -1.82
O2 PO4 C . 18.32 5.72 -2.55
O3 PO4 C . 18.93 7.45 -4.20
O4 PO4 C . 20.66 5.98 -3.30
P PO4 D . -21.14 1.87 6.76
O1 PO4 D . -21.47 3.32 6.83
O2 PO4 D . -22.41 1.06 6.55
O3 PO4 D . -20.16 1.57 5.62
O4 PO4 D . -20.51 1.45 8.08
#